data_6AWP
#
_entry.id   6AWP
#
_cell.length_a   129.490
_cell.length_b   163.860
_cell.length_c   140.950
_cell.angle_alpha   90.00
_cell.angle_beta   90.00
_cell.angle_gamma   90.00
#
_symmetry.space_group_name_H-M   'C 2 2 21'
#
loop_
_entity.id
_entity.type
_entity.pdbx_description
1 polymer 'Sodium-dependent serotonin transporter'
2 polymer '8B6 antibody FAB heavy chain'
3 polymer '8B6 antibody FAB light chain'
4 non-polymer Fluvoxamine
5 non-polymer 2-acetamido-2-deoxy-beta-D-glucopyranose
6 non-polymer CHOLESTEROL
7 non-polymer 'CHLORIDE ION'
8 non-polymer 'SODIUM ION'
9 water water
#
loop_
_entity_poly.entity_id
_entity_poly.type
_entity_poly.pdbx_seq_one_letter_code
_entity_poly.pdbx_strand_id
1 'polypeptide(L)'
;GSQGERETWGKKVDFLLSVIGYAVDLGNVWRFPYICAQNGGGAFLLPYTIMAIFGGIPLFYMELALGQYHRNGCISIWRK
ICPIFKGIGYAICIIAFYIASYYNTIMAWALYYLISSFTDQLPWTSCKNSWNTGNCTNYFSEDNITWTLHSTSPAEEFYT
RHVLQIHRSKGLQDLGGISWQLALCIMLIFTVIYFSIWKGVKTSGKVVWVTATFPYIALSVLLVRGATLPGAWRGVLFYL
KPNWQKLLETGVWIDAAAQIFFSLGPGFGVLLAFASYNKFNNNCYQDALVTSVVNCMTSFVSGFVIFTVLGYMAEMRNED
VSEVAKDAGPSLLFITYAEAIANMPASTFFAIIFFLMLITLGLDSSFAGLEGVITAVLDEFPHVWAKRRERFVLAVVITC
FFGSLVTLTFGGAYVVKLLEEYATGPAVLTVALIEAVAVSWFYGITQFCRDVKEMLGFSPGWFWRICWVAISPLFLLFII
ASFLMSPPQLRLFQYNYPYWSIILGYAIGTSSFICIPTYIAYRLIITPGTFKERIIKSITPETPTLVPR
;
A
2 'polypeptide(L)'
;EVQLQQSGPELVKPGASVKISCKASGYTFTDYYMNWVKQSHGKSLEWIGNINPNNGGTSYNQKFKGKATLTVDKSSTTAY
MELRSLTSEDSAVYYCTRSPVRPYYFDYWGQGTTLTVSSAKTTPPSVYPLAPGCGDTTGSSVTLGCLVKGYFPESVTVTW
NSGSLSSSVHTFPALLQSGLYTMSSSVTVPSSTWPSQTVTCSVAHPASSTTVDKKLEPRGSHHHHHHHH
;
B
3 'polypeptide(L)'
;DIVMTQSHKFMSTSVGDRVSITCKASQDVSTAVAWYQQKPGQSPKLLIYSASYRYTGVPDRFTGSGSGTDFTFTISSVQA
EDLAVYYCQQHYSIPRTFGGGTKLEIKRADAAPTVSIFPPSSEQLTSGGASVVCFLNNFYPKDINVKWKIDGSERQNGVL
NSWTDQDSKDSTYSMSSTLTLTKDEYERHNSYTCEATHKTSTSPIVKSFNRNEC
;
C
#
# COMPACT_ATOMS: atom_id res chain seq x y z
N GLY A 1 -15.55 23.44 43.86
CA GLY A 1 -16.73 23.60 43.03
C GLY A 1 -16.61 22.97 41.66
N SER A 2 -17.72 22.95 40.92
CA SER A 2 -17.79 22.41 39.57
C SER A 2 -17.35 20.95 39.52
N GLN A 3 -16.22 20.68 38.85
CA GLN A 3 -15.69 19.33 38.80
C GLN A 3 -15.18 18.88 40.17
N GLY A 4 -14.16 19.58 40.68
CA GLY A 4 -13.53 19.14 41.92
C GLY A 4 -12.97 17.75 41.74
N GLU A 5 -13.45 16.81 42.55
CA GLU A 5 -12.88 15.47 42.56
C GLU A 5 -13.16 14.77 41.24
N ARG A 6 -12.36 13.75 40.95
CA ARG A 6 -12.53 12.99 39.73
C ARG A 6 -13.45 11.80 39.97
N GLU A 7 -13.75 11.08 38.90
CA GLU A 7 -14.65 9.94 38.98
C GLU A 7 -13.86 8.75 39.48
N THR A 8 -14.52 7.61 39.69
CA THR A 8 -13.79 6.45 40.17
C THR A 8 -14.24 5.23 39.37
N TRP A 9 -13.83 3.95 39.33
CA TRP A 9 -14.23 2.79 38.55
C TRP A 9 -15.46 2.12 39.15
N GLY A 10 -16.21 1.43 38.32
CA GLY A 10 -17.37 0.68 38.76
C GLY A 10 -17.21 -0.56 39.64
N LYS A 11 -16.13 -1.29 39.46
CA LYS A 11 -15.92 -2.59 40.10
C LYS A 11 -14.46 -3.01 39.99
N LYS A 12 -14.00 -3.71 41.04
CA LYS A 12 -12.63 -4.23 41.11
C LYS A 12 -12.27 -5.09 39.88
N VAL A 13 -13.18 -5.99 39.49
CA VAL A 13 -12.92 -6.93 38.38
C VAL A 13 -12.75 -6.21 37.05
N ASP A 14 -13.43 -5.08 36.85
CA ASP A 14 -13.36 -4.39 35.56
C ASP A 14 -11.93 -3.93 35.26
N PHE A 15 -11.26 -3.22 36.37
CA PHE A 15 -9.89 -2.74 36.29
C PHE A 15 -8.92 -3.93 36.32
N LEU A 16 -9.23 -5.00 36.94
CA LEU A 16 -8.32 -6.15 36.97
C LEU A 16 -8.27 -6.82 35.59
N LEU A 17 -9.37 -6.77 34.85
CA LEU A 17 -9.37 -7.33 33.51
C LEU A 17 -8.98 -6.29 32.48
N SER A 18 -9.07 -5.02 32.82
CA SER A 18 -8.67 -4.00 31.87
C SER A 18 -7.16 -4.01 31.76
N VAL A 19 -6.47 -4.05 32.91
CA VAL A 19 -5.02 -4.10 32.92
C VAL A 19 -4.56 -5.44 32.35
N ILE A 20 -5.28 -6.54 32.66
CA ILE A 20 -4.86 -7.82 32.08
C ILE A 20 -5.04 -7.79 30.57
N GLY A 21 -6.17 -7.25 30.11
CA GLY A 21 -6.43 -7.13 28.68
C GLY A 21 -5.40 -6.26 27.96
N TYR A 22 -4.98 -5.17 28.58
CA TYR A 22 -3.88 -4.40 28.00
C TYR A 22 -2.57 -5.18 28.01
N ALA A 23 -2.28 -5.90 29.10
CA ALA A 23 -1.04 -6.66 29.14
C ALA A 23 -1.01 -7.79 28.13
N VAL A 24 -2.15 -8.43 27.89
CA VAL A 24 -2.22 -9.57 26.98
C VAL A 24 -2.56 -9.09 25.57
N ASP A 25 -1.76 -9.48 24.60
CA ASP A 25 -1.96 -9.02 23.22
C ASP A 25 -1.44 -10.11 22.28
N LEU A 26 -1.15 -9.71 21.03
CA LEU A 26 -0.62 -10.62 20.02
C LEU A 26 0.73 -11.21 20.46
N GLY A 27 1.61 -10.34 20.98
CA GLY A 27 2.95 -10.79 21.30
C GLY A 27 2.96 -11.90 22.33
N ASN A 28 2.06 -11.82 23.32
CA ASN A 28 1.92 -12.95 24.24
C ASN A 28 1.63 -14.24 23.47
N VAL A 29 0.85 -14.14 22.40
CA VAL A 29 0.44 -15.34 21.65
C VAL A 29 1.58 -15.90 20.82
N TRP A 30 2.31 -15.05 20.10
CA TRP A 30 3.25 -15.56 19.11
C TRP A 30 4.70 -15.14 19.33
N ARG A 31 4.93 -13.94 19.89
CA ARG A 31 6.29 -13.51 20.20
C ARG A 31 6.91 -14.33 21.32
N PHE A 32 6.16 -14.59 22.39
CA PHE A 32 6.69 -15.40 23.48
C PHE A 32 6.98 -16.85 23.07
N PRO A 33 6.09 -17.52 22.32
CA PRO A 33 6.43 -18.90 21.91
C PRO A 33 7.65 -18.98 21.02
N TYR A 34 7.79 -18.07 20.04
CA TYR A 34 8.94 -18.12 19.15
C TYR A 34 10.23 -17.84 19.90
N ILE A 35 10.27 -16.73 20.65
CA ILE A 35 11.50 -16.36 21.35
C ILE A 35 11.82 -17.37 22.44
N CYS A 36 10.81 -18.08 22.94
CA CYS A 36 11.05 -19.10 23.95
C CYS A 36 11.59 -20.38 23.33
N ALA A 37 11.17 -20.69 22.10
CA ALA A 37 11.60 -21.91 21.44
C ALA A 37 13.03 -21.83 20.90
N GLN A 38 13.42 -20.67 20.37
CA GLN A 38 14.72 -20.53 19.72
C GLN A 38 15.83 -20.05 20.66
N ASN A 39 15.51 -19.80 21.93
CA ASN A 39 16.50 -19.33 22.88
C ASN A 39 16.57 -20.25 24.10
N GLY A 40 16.91 -21.52 23.88
CA GLY A 40 17.09 -22.44 24.98
C GLY A 40 15.91 -23.35 25.25
N GLY A 41 14.78 -23.14 24.58
CA GLY A 41 13.61 -23.94 24.86
C GLY A 41 13.04 -23.69 26.24
N GLY A 42 12.77 -24.76 26.98
CA GLY A 42 12.25 -24.62 28.33
C GLY A 42 13.14 -23.83 29.27
N ALA A 43 14.46 -23.85 29.04
CA ALA A 43 15.35 -23.07 29.90
C ALA A 43 15.13 -21.57 29.77
N PHE A 44 14.34 -21.12 28.79
CA PHE A 44 14.06 -19.70 28.71
C PHE A 44 13.10 -19.29 29.79
N LEU A 45 12.46 -20.27 30.43
CA LEU A 45 11.55 -19.96 31.52
C LEU A 45 12.31 -19.40 32.71
N LEU A 46 13.61 -19.74 32.83
CA LEU A 46 14.36 -19.27 33.99
C LEU A 46 14.66 -17.78 33.96
N PRO A 47 15.30 -17.21 32.91
CA PRO A 47 15.56 -15.76 32.96
C PRO A 47 14.31 -14.92 32.70
N TYR A 48 13.27 -15.52 32.12
CA TYR A 48 12.06 -14.75 31.85
C TYR A 48 11.40 -14.37 33.15
N THR A 49 11.51 -15.24 34.15
CA THR A 49 10.95 -14.94 35.45
C THR A 49 11.89 -14.02 36.20
N ILE A 50 13.21 -14.27 36.09
CA ILE A 50 14.16 -13.42 36.79
C ILE A 50 14.05 -11.99 36.30
N MET A 51 13.95 -11.82 34.98
CA MET A 51 13.83 -10.48 34.40
C MET A 51 12.47 -9.89 34.71
N ALA A 52 11.55 -10.74 35.14
CA ALA A 52 10.24 -10.29 35.56
C ALA A 52 10.33 -9.84 37.01
N ILE A 53 10.79 -10.76 37.88
CA ILE A 53 10.84 -10.47 39.32
C ILE A 53 11.69 -9.24 39.61
N PHE A 54 12.81 -9.09 38.91
CA PHE A 54 13.71 -7.98 39.21
C PHE A 54 13.48 -6.74 38.35
N GLY A 55 12.91 -6.88 37.17
CA GLY A 55 12.75 -5.75 36.27
C GLY A 55 11.30 -5.39 36.01
N GLY A 56 10.54 -6.35 35.51
CA GLY A 56 9.16 -6.13 35.13
C GLY A 56 8.23 -5.81 36.29
N ILE A 57 8.17 -6.70 37.28
CA ILE A 57 7.25 -6.51 38.39
C ILE A 57 7.50 -5.20 39.16
N PRO A 58 8.75 -4.82 39.47
CA PRO A 58 8.91 -3.54 40.19
C PRO A 58 8.46 -2.32 39.40
N LEU A 59 8.72 -2.26 38.10
CA LEU A 59 8.24 -1.13 37.31
C LEU A 59 6.72 -1.15 37.18
N PHE A 60 6.15 -2.35 37.02
CA PHE A 60 4.70 -2.50 36.88
C PHE A 60 4.00 -2.05 38.16
N TYR A 61 4.48 -2.52 39.30
CA TYR A 61 3.88 -2.20 40.60
C TYR A 61 4.14 -0.75 40.97
N MET A 62 5.37 -0.26 40.74
CA MET A 62 5.69 1.13 41.04
C MET A 62 4.86 2.09 40.19
N GLU A 63 4.62 1.72 38.93
CA GLU A 63 3.79 2.53 38.06
C GLU A 63 2.34 2.47 38.51
N LEU A 64 1.89 1.29 38.96
CA LEU A 64 0.50 1.14 39.34
C LEU A 64 0.25 1.82 40.68
N ALA A 65 1.31 1.99 41.48
CA ALA A 65 1.17 2.61 42.78
C ALA A 65 1.12 4.10 42.59
N LEU A 66 2.05 4.63 41.79
CA LEU A 66 2.05 6.07 41.56
C LEU A 66 0.72 6.49 40.96
N GLY A 67 0.22 5.68 40.02
CA GLY A 67 -1.05 6.00 39.39
C GLY A 67 -2.23 5.94 40.34
N GLN A 68 -2.30 4.90 41.18
CA GLN A 68 -3.45 4.79 42.06
C GLN A 68 -3.36 5.71 43.27
N TYR A 69 -2.16 6.18 43.61
CA TYR A 69 -1.97 7.10 44.73
C TYR A 69 -2.21 8.56 44.33
N HIS A 70 -1.48 9.05 43.32
CA HIS A 70 -1.56 10.47 42.97
C HIS A 70 -2.80 10.82 42.15
N ARG A 71 -3.39 9.84 41.45
CA ARG A 71 -4.58 10.05 40.61
C ARG A 71 -4.42 11.17 39.58
N ASN A 72 -3.26 11.24 38.94
CA ASN A 72 -3.03 12.25 37.91
C ASN A 72 -2.66 11.58 36.59
N GLY A 73 -2.76 12.35 35.50
CA GLY A 73 -2.44 11.85 34.18
C GLY A 73 -0.95 11.63 33.98
N CYS A 74 -0.58 11.40 32.71
CA CYS A 74 0.83 11.18 32.40
C CYS A 74 1.62 12.47 32.36
N ILE A 75 0.97 13.62 32.28
CA ILE A 75 1.62 14.92 32.16
C ILE A 75 1.56 15.69 33.46
N SER A 76 0.36 15.79 34.05
CA SER A 76 0.16 16.61 35.24
C SER A 76 0.80 15.96 36.47
N ILE A 77 1.13 14.67 36.39
CA ILE A 77 1.73 14.01 37.55
C ILE A 77 3.17 14.45 37.69
N TRP A 78 3.80 14.89 36.60
CA TRP A 78 5.19 15.32 36.68
C TRP A 78 5.30 16.73 37.25
N ARG A 79 4.25 17.55 37.07
CA ARG A 79 4.23 18.87 37.69
C ARG A 79 4.24 18.75 39.21
N LYS A 80 3.72 17.63 39.74
CA LYS A 80 3.62 17.38 41.17
C LYS A 80 4.77 16.52 41.69
N ILE A 81 5.73 16.17 40.83
CA ILE A 81 6.88 15.35 41.19
C ILE A 81 8.13 16.11 40.80
N CYS A 82 8.41 16.20 39.50
CA CYS A 82 9.58 16.92 39.00
C CYS A 82 9.20 17.71 37.75
N PRO A 83 8.81 18.97 37.91
CA PRO A 83 8.31 19.78 36.79
C PRO A 83 9.18 19.74 35.54
N ILE A 84 10.50 19.70 35.70
CA ILE A 84 11.40 19.68 34.54
C ILE A 84 11.15 18.44 33.71
N PHE A 85 10.67 17.36 34.35
CA PHE A 85 10.39 16.10 33.68
C PHE A 85 8.99 16.03 33.12
N LYS A 86 8.27 17.17 33.13
CA LYS A 86 6.92 17.20 32.57
C LYS A 86 6.94 16.79 31.11
N GLY A 87 8.05 17.07 30.42
CA GLY A 87 8.20 16.64 29.03
C GLY A 87 7.98 15.15 28.84
N ILE A 88 8.29 14.35 29.87
CA ILE A 88 8.01 12.92 29.83
C ILE A 88 6.56 12.70 29.43
N GLY A 89 5.63 13.36 30.12
CA GLY A 89 4.23 13.24 29.81
C GLY A 89 3.90 13.54 28.36
N TYR A 90 4.69 14.41 27.73
CA TYR A 90 4.47 14.69 26.32
C TYR A 90 5.11 13.62 25.45
N ALA A 91 6.33 13.21 25.80
CA ALA A 91 7.05 12.21 25.01
C ALA A 91 6.20 10.98 24.77
N ILE A 92 5.71 10.37 25.85
CA ILE A 92 4.83 9.20 25.74
C ILE A 92 3.72 9.46 24.73
N CYS A 93 3.07 10.61 24.84
CA CYS A 93 2.01 10.98 23.90
C CYS A 93 2.48 10.79 22.46
N ILE A 94 3.56 11.45 22.08
CA ILE A 94 4.08 11.31 20.72
C ILE A 94 4.34 9.85 20.41
N ILE A 95 4.97 9.14 21.35
CA ILE A 95 5.23 7.71 21.21
C ILE A 95 3.94 6.99 20.84
N ALA A 96 2.86 7.23 21.60
CA ALA A 96 1.60 6.56 21.33
C ALA A 96 1.19 6.76 19.87
N PHE A 97 1.32 7.99 19.37
CA PHE A 97 0.88 8.27 18.00
C PHE A 97 1.61 7.39 17.00
N TYR A 98 2.89 7.10 17.27
CA TYR A 98 3.63 6.26 16.34
C TYR A 98 3.11 4.84 16.45
N ILE A 99 2.91 4.37 17.68
CA ILE A 99 2.41 3.02 17.85
C ILE A 99 1.08 2.92 17.12
N ALA A 100 0.17 3.84 17.43
CA ALA A 100 -1.15 3.83 16.81
C ALA A 100 -1.11 3.94 15.29
N SER A 101 0.02 4.34 14.70
CA SER A 101 0.07 4.43 13.25
C SER A 101 0.08 3.05 12.60
N TYR A 102 0.55 2.03 13.32
CA TYR A 102 0.62 0.69 12.72
C TYR A 102 -0.10 -0.38 13.51
N TYR A 103 -0.10 -0.32 14.85
CA TYR A 103 -0.66 -1.40 15.65
C TYR A 103 -2.11 -1.66 15.27
N ASN A 104 -2.84 -0.62 14.85
CA ASN A 104 -4.23 -0.83 14.46
C ASN A 104 -4.30 -1.43 13.05
N THR A 105 -3.44 -0.99 12.14
CA THR A 105 -3.50 -1.52 10.78
C THR A 105 -3.38 -3.04 10.80
N ILE A 106 -2.50 -3.53 11.69
CA ILE A 106 -2.33 -4.96 11.90
C ILE A 106 -3.67 -5.61 12.21
N MET A 107 -4.38 -5.06 13.20
CA MET A 107 -5.71 -5.57 13.54
C MET A 107 -6.59 -5.57 12.30
N ALA A 108 -6.48 -4.51 11.48
CA ALA A 108 -7.23 -4.42 10.24
C ALA A 108 -7.04 -5.68 9.42
N TRP A 109 -5.78 -6.12 9.27
CA TRP A 109 -5.49 -7.34 8.56
C TRP A 109 -6.32 -8.49 9.11
N ALA A 110 -6.24 -8.71 10.42
CA ALA A 110 -7.04 -9.76 11.04
C ALA A 110 -8.51 -9.55 10.71
N LEU A 111 -8.99 -8.31 10.79
CA LEU A 111 -10.37 -8.02 10.48
C LEU A 111 -10.69 -8.37 9.04
N TYR A 112 -9.81 -7.97 8.11
CA TYR A 112 -10.03 -8.30 6.72
C TYR A 112 -9.93 -9.81 6.51
N TYR A 113 -9.16 -10.49 7.37
CA TYR A 113 -9.07 -11.93 7.29
C TYR A 113 -10.31 -12.57 7.90
N LEU A 114 -10.95 -11.87 8.84
CA LEU A 114 -12.12 -12.40 9.53
C LEU A 114 -13.37 -12.29 8.67
N ILE A 115 -13.55 -11.15 8.00
CA ILE A 115 -14.73 -10.91 7.17
C ILE A 115 -14.67 -11.70 5.88
N SER A 116 -13.51 -12.25 5.56
CA SER A 116 -13.28 -13.06 4.38
C SER A 116 -13.36 -14.54 4.70
N SER A 117 -13.66 -14.88 5.95
CA SER A 117 -13.73 -16.24 6.43
C SER A 117 -15.16 -16.74 6.53
N PHE A 118 -16.12 -16.03 5.93
CA PHE A 118 -17.52 -16.41 5.95
C PHE A 118 -17.89 -17.23 4.72
N THR A 119 -16.92 -17.51 3.85
CA THR A 119 -17.15 -18.31 2.66
C THR A 119 -16.98 -19.79 2.97
N ASP A 120 -17.77 -20.63 2.29
CA ASP A 120 -17.68 -22.07 2.45
C ASP A 120 -16.32 -22.60 2.02
N GLN A 121 -15.70 -21.98 1.02
CA GLN A 121 -14.36 -22.34 0.57
C GLN A 121 -13.39 -21.19 0.85
N LEU A 122 -12.42 -21.45 1.72
CA LEU A 122 -11.47 -20.42 2.13
C LEU A 122 -10.60 -20.00 0.94
N PRO A 123 -10.38 -18.70 0.76
CA PRO A 123 -9.61 -18.21 -0.39
C PRO A 123 -8.20 -18.76 -0.51
N TRP A 124 -7.53 -19.04 0.61
CA TRP A 124 -6.13 -19.46 0.56
C TRP A 124 -5.94 -20.97 0.51
N THR A 125 -6.94 -21.70 0.01
CA THR A 125 -6.80 -23.14 -0.16
C THR A 125 -6.47 -23.51 -1.60
N SER A 126 -7.17 -22.93 -2.57
CA SER A 126 -6.93 -23.22 -3.97
C SER A 126 -6.00 -22.17 -4.58
N CYS A 127 -5.55 -22.45 -5.81
CA CYS A 127 -4.69 -21.55 -6.56
C CYS A 127 -5.40 -20.94 -7.76
N LYS A 128 -6.62 -21.39 -8.06
CA LYS A 128 -7.39 -20.90 -9.20
C LYS A 128 -8.11 -19.62 -8.80
N ASN A 129 -7.30 -18.59 -8.56
CA ASN A 129 -7.81 -17.28 -8.18
C ASN A 129 -7.25 -16.22 -9.12
N SER A 130 -7.64 -14.97 -8.88
CA SER A 130 -7.25 -13.88 -9.75
C SER A 130 -5.93 -13.25 -9.33
N TRP A 131 -5.36 -13.66 -8.19
CA TRP A 131 -4.13 -13.08 -7.67
C TRP A 131 -2.97 -14.04 -7.67
N ASN A 132 -3.21 -15.34 -7.76
CA ASN A 132 -2.14 -16.32 -7.75
C ASN A 132 -1.34 -16.24 -9.05
N THR A 133 -0.05 -16.57 -8.95
CA THR A 133 0.84 -16.61 -10.09
C THR A 133 0.92 -18.04 -10.62
N GLY A 134 1.86 -18.28 -11.54
CA GLY A 134 2.07 -19.62 -12.01
C GLY A 134 2.92 -20.44 -11.10
N ASN A 135 3.47 -19.80 -10.06
CA ASN A 135 4.26 -20.49 -9.06
C ASN A 135 3.38 -21.10 -7.99
N CYS A 136 2.11 -20.68 -7.92
CA CYS A 136 1.21 -21.16 -6.89
C CYS A 136 1.04 -22.67 -6.99
N THR A 137 1.49 -23.39 -5.97
CA THR A 137 1.29 -24.83 -5.88
C THR A 137 0.66 -25.12 -4.52
N ASN A 138 -0.49 -25.79 -4.54
CA ASN A 138 -1.23 -26.06 -3.32
C ASN A 138 -1.32 -27.56 -3.08
N TYR A 139 -2.04 -27.93 -2.02
CA TYR A 139 -2.30 -29.31 -1.67
C TYR A 139 -3.70 -29.75 -2.09
N PHE A 140 -4.04 -31.00 -1.74
CA PHE A 140 -5.11 -31.75 -2.39
C PHE A 140 -4.84 -31.89 -3.88
N SER A 141 -3.53 -31.82 -4.14
CA SER A 141 -2.91 -31.88 -5.44
C SER A 141 -1.92 -33.02 -5.48
N GLU A 142 -1.63 -33.47 -6.69
CA GLU A 142 -0.79 -34.63 -6.94
C GLU A 142 0.36 -34.66 -5.93
N ASP A 143 0.68 -35.86 -5.42
CA ASP A 143 1.64 -36.10 -4.35
C ASP A 143 2.99 -36.11 -5.10
N ASN A 144 4.09 -36.59 -4.51
CA ASN A 144 5.44 -36.47 -5.11
C ASN A 144 5.99 -35.05 -5.35
N ILE A 145 5.21 -33.98 -5.13
CA ILE A 145 5.68 -32.65 -5.49
C ILE A 145 7.03 -32.36 -4.81
N THR A 146 7.69 -31.59 -5.52
CA THR A 146 8.92 -31.11 -4.92
C THR A 146 8.98 -29.59 -5.07
N TRP A 147 9.25 -28.92 -3.94
CA TRP A 147 9.23 -27.47 -3.88
C TRP A 147 10.47 -26.89 -4.54
N THR A 148 10.28 -25.75 -5.20
CA THR A 148 11.33 -25.08 -5.95
C THR A 148 11.59 -23.71 -5.32
N LEU A 149 12.76 -23.14 -5.61
CA LEU A 149 13.11 -21.83 -5.04
C LEU A 149 12.10 -20.75 -5.40
N HIS A 150 11.40 -20.87 -6.52
CA HIS A 150 10.45 -19.84 -6.91
C HIS A 150 9.01 -20.22 -6.62
N SER A 151 8.76 -21.47 -6.24
CA SER A 151 7.40 -21.92 -5.99
C SER A 151 6.86 -21.27 -4.72
N THR A 152 5.56 -20.99 -4.72
CA THR A 152 4.91 -20.40 -3.56
C THR A 152 3.61 -21.16 -3.31
N SER A 153 3.08 -21.05 -2.05
CA SER A 153 1.87 -21.67 -1.54
C SER A 153 0.70 -20.69 -1.56
N PRO A 154 -0.53 -21.20 -1.72
CA PRO A 154 -1.69 -20.29 -1.78
C PRO A 154 -1.84 -19.39 -0.57
N ALA A 155 -1.39 -19.82 0.61
CA ALA A 155 -1.44 -18.95 1.79
C ALA A 155 -0.41 -17.82 1.67
N GLU A 156 0.84 -18.17 1.37
CA GLU A 156 1.86 -17.16 1.16
C GLU A 156 1.48 -16.22 0.02
N GLU A 157 0.86 -16.78 -1.03
CA GLU A 157 0.40 -15.97 -2.15
C GLU A 157 -0.71 -15.03 -1.70
N PHE A 158 -1.60 -15.53 -0.83
CA PHE A 158 -2.74 -14.76 -0.35
C PHE A 158 -2.33 -13.61 0.56
N TYR A 159 -1.37 -13.84 1.45
CA TYR A 159 -0.92 -12.74 2.31
C TYR A 159 -0.09 -11.74 1.51
N THR A 160 0.87 -12.24 0.73
CA THR A 160 1.82 -11.36 0.05
C THR A 160 1.14 -10.52 -1.03
N ARG A 161 0.34 -11.15 -1.88
CA ARG A 161 -0.12 -10.47 -3.10
C ARG A 161 -1.55 -9.94 -3.05
N HIS A 162 -2.35 -10.28 -2.05
CA HIS A 162 -3.74 -9.86 -2.00
C HIS A 162 -4.00 -8.83 -0.90
N VAL A 163 -3.93 -9.22 0.37
CA VAL A 163 -4.28 -8.32 1.46
C VAL A 163 -3.19 -7.27 1.69
N LEU A 164 -1.95 -7.72 1.89
CA LEU A 164 -0.84 -6.79 2.10
C LEU A 164 -0.47 -6.06 0.81
N GLN A 165 -0.47 -6.78 -0.33
CA GLN A 165 -0.15 -6.20 -1.63
C GLN A 165 1.24 -5.58 -1.63
N ILE A 166 2.20 -6.28 -1.03
CA ILE A 166 3.52 -5.69 -0.84
C ILE A 166 4.36 -5.76 -2.12
N HIS A 167 3.88 -6.48 -3.12
CA HIS A 167 4.58 -6.59 -4.40
C HIS A 167 4.43 -5.34 -5.25
N ARG A 168 3.55 -4.42 -4.87
CA ARG A 168 3.28 -3.21 -5.64
C ARG A 168 4.18 -2.07 -5.23
N SER A 169 5.07 -2.31 -4.26
CA SER A 169 6.02 -1.33 -3.78
C SER A 169 7.41 -1.91 -3.93
N LYS A 170 8.40 -1.04 -4.12
CA LYS A 170 9.77 -1.47 -4.30
C LYS A 170 10.62 -1.35 -3.05
N GLY A 171 10.02 -0.95 -1.95
CA GLY A 171 10.72 -0.78 -0.70
C GLY A 171 10.26 0.50 -0.06
N LEU A 172 11.10 1.05 0.80
CA LEU A 172 10.74 2.30 1.45
C LEU A 172 10.71 3.45 0.44
N GLN A 173 11.55 3.38 -0.59
CA GLN A 173 11.59 4.43 -1.61
C GLN A 173 10.24 4.61 -2.29
N ASP A 174 9.72 3.56 -2.91
CA ASP A 174 8.42 3.60 -3.59
C ASP A 174 7.45 2.62 -2.95
N LEU A 175 6.45 3.16 -2.26
CA LEU A 175 5.45 2.36 -1.54
C LEU A 175 4.02 2.77 -1.83
N GLY A 176 3.78 4.00 -2.28
CA GLY A 176 2.43 4.45 -2.57
C GLY A 176 1.79 3.68 -3.72
N GLY A 177 0.47 3.74 -3.79
CA GLY A 177 -0.37 4.50 -2.87
C GLY A 177 -1.07 3.68 -1.79
N ILE A 178 -2.25 4.16 -1.39
CA ILE A 178 -3.01 3.60 -0.27
C ILE A 178 -4.03 2.61 -0.79
N SER A 179 -4.20 1.51 -0.07
CA SER A 179 -5.25 0.53 -0.35
C SER A 179 -6.52 0.96 0.36
N TRP A 180 -7.62 1.08 -0.39
CA TRP A 180 -8.87 1.57 0.21
C TRP A 180 -9.54 0.52 1.10
N GLN A 181 -9.30 -0.76 0.84
CA GLN A 181 -9.89 -1.82 1.66
C GLN A 181 -9.40 -1.74 3.09
N LEU A 182 -8.08 -1.76 3.28
CA LEU A 182 -7.54 -1.68 4.63
C LEU A 182 -7.82 -0.32 5.27
N ALA A 183 -8.09 0.70 4.46
CA ALA A 183 -8.51 1.98 5.02
C ALA A 183 -9.90 1.88 5.63
N LEU A 184 -10.83 1.24 4.90
CA LEU A 184 -12.17 1.02 5.45
C LEU A 184 -12.14 0.08 6.66
N CYS A 185 -11.32 -0.98 6.61
CA CYS A 185 -11.19 -1.89 7.74
C CYS A 185 -10.68 -1.13 8.97
N ILE A 186 -9.59 -0.39 8.81
CA ILE A 186 -9.02 0.32 9.94
C ILE A 186 -9.96 1.42 10.41
N MET A 187 -10.87 1.85 9.54
CA MET A 187 -11.90 2.79 9.93
C MET A 187 -12.93 2.09 10.83
N LEU A 188 -13.30 0.86 10.46
CA LEU A 188 -14.21 0.07 11.29
C LEU A 188 -13.59 -0.20 12.66
N ILE A 189 -12.28 -0.43 12.70
CA ILE A 189 -11.61 -0.67 13.98
C ILE A 189 -11.61 0.61 14.80
N PHE A 190 -11.29 1.74 14.16
CA PHE A 190 -11.30 3.00 14.88
C PHE A 190 -12.72 3.39 15.31
N THR A 191 -13.73 2.71 14.75
CA THR A 191 -15.11 2.94 15.17
C THR A 191 -15.46 2.04 16.33
N VAL A 192 -14.92 0.80 16.36
CA VAL A 192 -15.30 -0.08 17.45
C VAL A 192 -14.51 0.33 18.69
N ILE A 193 -13.42 1.08 18.49
CA ILE A 193 -12.66 1.59 19.62
C ILE A 193 -13.21 2.96 19.99
N TYR A 194 -13.88 3.64 19.05
CA TYR A 194 -14.44 4.95 19.33
C TYR A 194 -15.57 4.85 20.37
N PHE A 195 -16.51 3.94 20.17
CA PHE A 195 -17.63 3.83 21.09
C PHE A 195 -17.25 3.14 22.39
N SER A 196 -15.99 2.73 22.53
CA SER A 196 -15.50 2.10 23.74
C SER A 196 -14.61 3.01 24.56
N ILE A 197 -14.41 4.25 24.13
CA ILE A 197 -13.51 5.19 24.80
C ILE A 197 -14.23 6.52 24.97
N TRP A 198 -15.08 6.88 24.00
CA TRP A 198 -15.67 8.21 23.96
C TRP A 198 -16.41 8.55 25.25
N LYS A 199 -16.95 7.55 25.93
CA LYS A 199 -17.67 7.73 27.17
C LYS A 199 -16.74 7.74 28.37
N GLY A 200 -15.47 7.43 28.16
CA GLY A 200 -14.51 7.45 29.25
C GLY A 200 -14.15 6.05 29.65
N VAL A 201 -13.88 5.83 30.93
CA VAL A 201 -13.48 4.50 31.39
C VAL A 201 -14.68 3.58 31.53
N LYS A 202 -15.89 4.12 31.42
CA LYS A 202 -17.10 3.30 31.54
C LYS A 202 -17.23 2.32 30.39
N THR A 203 -17.00 2.77 29.17
CA THR A 203 -17.16 1.83 28.08
C THR A 203 -15.90 0.99 27.91
N SER A 204 -14.71 1.54 28.12
CA SER A 204 -13.55 0.68 27.99
C SER A 204 -13.49 -0.33 29.13
N GLY A 205 -14.34 -0.12 30.16
CA GLY A 205 -14.47 -1.01 31.29
C GLY A 205 -15.61 -1.97 31.14
N LYS A 206 -16.43 -1.76 30.10
CA LYS A 206 -17.52 -2.67 29.86
C LYS A 206 -17.14 -3.57 28.70
N VAL A 207 -16.45 -3.00 27.72
CA VAL A 207 -15.94 -3.72 26.56
C VAL A 207 -14.81 -4.64 26.99
N VAL A 208 -14.05 -4.26 28.03
CA VAL A 208 -12.95 -5.14 28.44
C VAL A 208 -13.48 -6.51 28.87
N TRP A 209 -14.72 -6.60 29.39
CA TRP A 209 -15.26 -7.91 29.75
C TRP A 209 -15.11 -8.92 28.63
N VAL A 210 -15.33 -8.48 27.40
CA VAL A 210 -15.23 -9.34 26.23
C VAL A 210 -13.80 -9.40 25.73
N THR A 211 -13.16 -8.24 25.57
CA THR A 211 -11.82 -8.23 24.95
C THR A 211 -10.80 -9.00 25.76
N ALA A 212 -11.00 -9.14 27.07
CA ALA A 212 -10.00 -9.80 27.90
C ALA A 212 -10.34 -11.27 28.16
N THR A 213 -11.61 -11.66 28.00
CA THR A 213 -12.03 -13.03 28.27
C THR A 213 -12.13 -13.89 27.01
N PHE A 214 -12.40 -13.27 25.86
CA PHE A 214 -12.49 -14.04 24.61
C PHE A 214 -11.19 -14.72 24.23
N PRO A 215 -10.01 -14.09 24.29
CA PRO A 215 -8.79 -14.79 23.87
C PRO A 215 -8.53 -16.07 24.63
N TYR A 216 -8.91 -16.16 25.90
CA TYR A 216 -8.67 -17.40 26.63
C TYR A 216 -9.58 -18.51 26.12
N ILE A 217 -10.83 -18.16 25.78
CA ILE A 217 -11.74 -19.14 25.20
C ILE A 217 -11.22 -19.62 23.85
N ALA A 218 -10.90 -18.67 22.97
CA ALA A 218 -10.37 -19.04 21.65
C ALA A 218 -9.08 -19.85 21.77
N LEU A 219 -8.19 -19.43 22.68
CA LEU A 219 -6.95 -20.18 22.92
C LEU A 219 -7.25 -21.57 23.46
N SER A 220 -8.30 -21.70 24.26
CA SER A 220 -8.69 -23.01 24.76
C SER A 220 -9.16 -23.91 23.63
N VAL A 221 -10.03 -23.39 22.75
CA VAL A 221 -10.52 -24.18 21.63
C VAL A 221 -9.36 -24.59 20.73
N LEU A 222 -8.50 -23.63 20.36
CA LEU A 222 -7.35 -23.96 19.54
C LEU A 222 -6.39 -24.90 20.25
N LEU A 223 -6.35 -24.85 21.59
CA LEU A 223 -5.46 -25.70 22.36
C LEU A 223 -5.96 -27.14 22.36
N VAL A 224 -7.22 -27.36 22.73
CA VAL A 224 -7.78 -28.69 22.74
C VAL A 224 -7.91 -29.24 21.33
N ARG A 225 -7.93 -28.35 20.33
CA ARG A 225 -7.93 -28.81 18.94
C ARG A 225 -6.54 -29.29 18.55
N GLY A 226 -5.53 -28.44 18.76
CA GLY A 226 -4.17 -28.77 18.39
C GLY A 226 -3.56 -29.89 19.19
N ALA A 227 -4.06 -30.12 20.42
CA ALA A 227 -3.54 -31.22 21.22
C ALA A 227 -4.02 -32.55 20.68
N THR A 228 -5.18 -32.56 20.02
CA THR A 228 -5.75 -33.76 19.44
C THR A 228 -5.20 -34.06 18.06
N LEU A 229 -4.51 -33.10 17.45
CA LEU A 229 -3.91 -33.29 16.13
C LEU A 229 -2.72 -34.24 16.21
N PRO A 230 -2.60 -35.15 15.25
CA PRO A 230 -1.49 -36.11 15.29
C PRO A 230 -0.15 -35.43 15.03
N GLY A 231 0.86 -35.87 15.76
CA GLY A 231 2.19 -35.31 15.62
C GLY A 231 2.34 -33.93 16.20
N ALA A 232 1.50 -33.54 17.15
CA ALA A 232 1.60 -32.22 17.74
C ALA A 232 2.67 -32.18 18.81
N TRP A 233 3.20 -33.34 19.19
CA TRP A 233 4.23 -33.42 20.21
C TRP A 233 5.56 -32.87 19.72
N ARG A 234 5.77 -32.81 18.41
CA ARG A 234 7.05 -32.29 17.90
C ARG A 234 7.19 -30.81 18.22
N GLY A 235 6.10 -30.05 18.03
CA GLY A 235 6.15 -28.62 18.33
C GLY A 235 6.32 -28.37 19.82
N VAL A 236 5.69 -29.21 20.64
CA VAL A 236 5.84 -29.06 22.09
C VAL A 236 7.26 -29.42 22.50
N LEU A 237 7.82 -30.47 21.88
CA LEU A 237 9.20 -30.86 22.16
C LEU A 237 10.16 -29.74 21.79
N PHE A 238 9.99 -29.15 20.61
CA PHE A 238 10.86 -28.05 20.19
C PHE A 238 10.60 -26.82 21.04
N TYR A 239 9.43 -26.75 21.67
CA TYR A 239 9.05 -25.64 22.53
C TYR A 239 9.65 -25.76 23.92
N LEU A 240 9.80 -26.98 24.43
CA LEU A 240 10.23 -27.21 25.80
C LEU A 240 11.57 -27.92 25.95
N LYS A 241 12.22 -28.30 24.85
CA LYS A 241 13.50 -29.01 24.95
C LYS A 241 14.58 -28.14 25.59
N PRO A 242 15.12 -28.52 26.76
CA PRO A 242 16.12 -27.68 27.42
C PRO A 242 17.44 -27.69 26.66
N ASN A 243 17.93 -26.49 26.34
CA ASN A 243 19.24 -26.28 25.73
C ASN A 243 20.03 -25.35 26.63
N TRP A 244 20.65 -25.93 27.68
CA TRP A 244 21.31 -25.10 28.68
C TRP A 244 22.55 -24.38 28.14
N GLN A 245 23.03 -24.76 26.94
CA GLN A 245 24.18 -24.07 26.38
C GLN A 245 23.83 -22.69 25.83
N LYS A 246 22.54 -22.39 25.65
CA LYS A 246 22.10 -21.10 25.16
C LYS A 246 22.16 -20.05 26.26
N LEU A 247 21.97 -20.47 27.51
CA LEU A 247 21.98 -19.58 28.67
C LEU A 247 23.35 -18.93 28.87
N LEU A 248 24.41 -19.54 28.34
CA LEU A 248 25.75 -18.96 28.46
C LEU A 248 25.88 -17.72 27.59
N GLU A 249 25.09 -17.64 26.52
CA GLU A 249 25.07 -16.48 25.64
C GLU A 249 24.36 -15.32 26.32
N THR A 250 24.98 -14.15 26.28
CA THR A 250 24.47 -12.95 26.94
C THR A 250 23.27 -12.36 26.24
N GLY A 251 22.87 -12.92 25.10
CA GLY A 251 21.77 -12.43 24.31
C GLY A 251 20.42 -12.84 24.88
N VAL A 252 20.28 -14.10 25.32
CA VAL A 252 18.98 -14.58 25.77
C VAL A 252 18.52 -13.85 27.03
N TRP A 253 19.44 -13.35 27.86
CA TRP A 253 19.05 -12.59 29.03
C TRP A 253 18.45 -11.25 28.64
N ILE A 254 19.05 -10.60 27.63
CA ILE A 254 18.53 -9.35 27.13
C ILE A 254 17.18 -9.57 26.46
N ASP A 255 17.05 -10.68 25.73
CA ASP A 255 15.77 -11.02 25.11
C ASP A 255 14.69 -11.21 26.16
N ALA A 256 15.00 -11.92 27.25
CA ALA A 256 14.02 -12.12 28.31
C ALA A 256 13.65 -10.80 28.97
N ALA A 257 14.66 -9.96 29.26
CA ALA A 257 14.40 -8.66 29.87
C ALA A 257 13.48 -7.81 29.00
N ALA A 258 13.83 -7.64 27.72
CA ALA A 258 13.00 -6.84 26.82
C ALA A 258 11.60 -7.42 26.71
N GLN A 259 11.50 -8.74 26.54
CA GLN A 259 10.21 -9.39 26.38
C GLN A 259 9.32 -9.14 27.60
N ILE A 260 9.87 -9.30 28.80
CA ILE A 260 9.03 -9.10 29.97
C ILE A 260 8.76 -7.62 30.21
N PHE A 261 9.59 -6.71 29.67
CA PHE A 261 9.28 -5.30 29.82
C PHE A 261 8.11 -4.89 28.95
N PHE A 262 8.20 -5.17 27.65
CA PHE A 262 7.10 -4.82 26.76
C PHE A 262 5.84 -5.61 27.09
N SER A 263 5.97 -6.88 27.48
CA SER A 263 4.79 -7.64 27.86
C SER A 263 4.14 -7.08 29.12
N LEU A 264 4.94 -6.69 30.11
CA LEU A 264 4.37 -6.07 31.32
C LEU A 264 3.88 -4.67 31.03
N GLY A 265 4.60 -3.94 30.17
CA GLY A 265 4.23 -2.63 29.74
C GLY A 265 4.18 -1.47 30.74
N PRO A 266 5.12 -1.39 31.69
CA PRO A 266 5.16 -0.23 32.57
C PRO A 266 5.70 0.97 31.79
N GLY A 267 5.52 2.15 32.35
CA GLY A 267 6.25 3.27 31.79
C GLY A 267 5.58 3.92 30.59
N PHE A 268 4.32 3.57 30.32
CA PHE A 268 3.61 3.97 29.11
C PHE A 268 2.48 4.92 29.42
N GLY A 269 2.09 5.00 30.68
CA GLY A 269 1.04 5.88 31.15
C GLY A 269 -0.29 5.18 31.16
N VAL A 270 -0.33 3.96 30.64
CA VAL A 270 -1.55 3.16 30.67
C VAL A 270 -1.89 2.75 32.08
N LEU A 271 -0.91 2.14 32.78
CA LEU A 271 -1.13 1.77 34.17
C LEU A 271 -1.37 2.98 35.04
N LEU A 272 -0.75 4.11 34.70
CA LEU A 272 -0.97 5.34 35.46
C LEU A 272 -2.42 5.80 35.34
N ALA A 273 -2.94 5.84 34.11
CA ALA A 273 -4.32 6.26 33.89
C ALA A 273 -5.32 5.26 34.46
N PHE A 274 -5.08 3.97 34.23
CA PHE A 274 -5.99 2.96 34.75
C PHE A 274 -5.99 2.94 36.27
N ALA A 275 -4.84 3.19 36.89
CA ALA A 275 -4.73 3.20 38.35
C ALA A 275 -5.32 4.47 38.96
N SER A 276 -5.27 5.57 38.21
CA SER A 276 -5.79 6.85 38.67
C SER A 276 -7.26 6.76 39.10
N TYR A 277 -8.09 6.09 38.30
CA TYR A 277 -9.50 5.87 38.61
C TYR A 277 -9.69 4.65 39.51
N ASN A 278 -9.54 4.86 40.82
CA ASN A 278 -9.73 3.76 41.76
C ASN A 278 -9.88 4.29 43.18
N LYS A 279 -10.29 3.39 44.08
CA LYS A 279 -10.47 3.70 45.49
C LYS A 279 -9.15 3.98 46.18
N PHE A 280 -9.18 4.93 47.13
CA PHE A 280 -7.96 5.30 47.83
C PHE A 280 -7.52 4.18 48.78
N ASN A 281 -8.46 3.53 49.46
CA ASN A 281 -8.08 2.47 50.38
C ASN A 281 -7.97 1.13 49.67
N ASN A 282 -8.17 1.08 48.36
CA ASN A 282 -8.10 -0.18 47.63
C ASN A 282 -6.67 -0.72 47.62
N ASN A 283 -6.55 -2.04 47.68
CA ASN A 283 -5.23 -2.66 47.68
C ASN A 283 -4.62 -2.60 46.28
N CYS A 284 -3.33 -2.28 46.21
CA CYS A 284 -2.61 -2.20 44.94
C CYS A 284 -1.62 -3.35 44.73
N TYR A 285 -1.05 -3.87 45.82
CA TYR A 285 -0.05 -4.94 45.78
C TYR A 285 -0.58 -6.18 45.07
N GLN A 286 -1.67 -6.74 45.61
CA GLN A 286 -2.27 -7.95 45.08
C GLN A 286 -2.65 -7.78 43.61
N ASP A 287 -3.22 -6.62 43.27
CA ASP A 287 -3.63 -6.34 41.90
C ASP A 287 -2.46 -6.50 40.92
N ALA A 288 -1.37 -5.76 41.14
CA ALA A 288 -0.21 -5.85 40.27
C ALA A 288 0.34 -7.28 40.19
N LEU A 289 0.51 -7.92 41.35
CA LEU A 289 1.04 -9.29 41.38
C LEU A 289 0.21 -10.22 40.50
N VAL A 290 -1.09 -10.35 40.81
CA VAL A 290 -1.96 -11.24 40.05
C VAL A 290 -1.88 -10.92 38.57
N THR A 291 -2.02 -9.62 38.21
CA THR A 291 -2.15 -9.30 36.80
C THR A 291 -0.92 -9.78 36.04
N SER A 292 0.28 -9.49 36.56
CA SER A 292 1.46 -9.88 35.79
C SER A 292 1.53 -11.40 35.68
N VAL A 293 1.26 -12.11 36.78
CA VAL A 293 1.41 -13.56 36.78
C VAL A 293 0.47 -14.21 35.78
N VAL A 294 -0.74 -13.66 35.63
CA VAL A 294 -1.62 -14.07 34.55
C VAL A 294 -1.01 -13.77 33.19
N ASN A 295 -0.52 -12.55 32.98
CA ASN A 295 0.10 -12.21 31.69
C ASN A 295 1.18 -13.21 31.25
N CYS A 296 2.05 -13.63 32.17
CA CYS A 296 2.99 -14.73 31.90
C CYS A 296 2.30 -16.07 31.69
N MET A 297 1.34 -16.44 32.54
CA MET A 297 0.77 -17.78 32.37
C MET A 297 0.09 -17.87 31.01
N THR A 298 -0.59 -16.79 30.63
CA THR A 298 -1.30 -16.72 29.38
C THR A 298 -0.34 -16.89 28.22
N SER A 299 0.81 -16.21 28.28
CA SER A 299 1.86 -16.47 27.30
C SER A 299 2.24 -17.95 27.29
N PHE A 300 2.38 -18.56 28.46
CA PHE A 300 2.81 -19.95 28.57
C PHE A 300 1.84 -20.90 27.86
N VAL A 301 0.53 -20.74 28.08
CA VAL A 301 -0.40 -21.64 27.42
C VAL A 301 -0.52 -21.29 25.94
N SER A 302 -0.40 -20.00 25.59
CA SER A 302 -0.40 -19.61 24.18
C SER A 302 0.72 -20.31 23.42
N GLY A 303 1.87 -20.49 24.08
CA GLY A 303 2.95 -21.26 23.49
C GLY A 303 2.52 -22.62 23.01
N PHE A 304 1.77 -23.34 23.86
CA PHE A 304 1.24 -24.64 23.46
C PHE A 304 0.24 -24.49 22.33
N VAL A 305 -0.65 -23.48 22.42
CA VAL A 305 -1.63 -23.27 21.37
C VAL A 305 -0.96 -23.14 20.00
N ILE A 306 0.20 -22.48 19.95
CA ILE A 306 0.90 -22.32 18.68
C ILE A 306 1.66 -23.59 18.33
N PHE A 307 2.44 -24.13 19.27
CA PHE A 307 3.37 -25.20 18.93
C PHE A 307 2.70 -26.56 18.75
N THR A 308 1.47 -26.76 19.24
CA THR A 308 0.78 -28.00 18.88
C THR A 308 0.43 -27.98 17.41
N VAL A 309 -0.08 -26.84 16.93
CA VAL A 309 -0.47 -26.71 15.53
C VAL A 309 0.76 -26.71 14.63
N LEU A 310 1.83 -26.01 15.05
CA LEU A 310 3.05 -26.01 14.25
C LEU A 310 3.73 -27.38 14.29
N GLY A 311 3.54 -28.13 15.39
CA GLY A 311 4.06 -29.48 15.44
C GLY A 311 3.31 -30.36 14.45
N TYR A 312 1.99 -30.20 14.40
CA TYR A 312 1.20 -30.91 13.40
C TYR A 312 1.62 -30.51 11.99
N MET A 313 1.96 -29.23 11.80
CA MET A 313 2.38 -28.77 10.48
C MET A 313 3.74 -29.36 10.12
N ALA A 314 4.61 -29.53 11.11
CA ALA A 314 5.91 -30.14 10.84
C ALA A 314 5.78 -31.63 10.59
N GLU A 315 4.76 -32.26 11.19
CA GLU A 315 4.50 -33.68 10.94
C GLU A 315 3.96 -33.89 9.53
N MET A 316 3.03 -33.04 9.10
CA MET A 316 2.49 -33.15 7.74
C MET A 316 3.57 -32.92 6.70
N ARG A 317 4.45 -31.95 6.93
CA ARG A 317 5.64 -31.75 6.12
C ARG A 317 6.70 -32.65 6.74
N ASN A 318 7.97 -32.24 6.79
CA ASN A 318 9.02 -33.13 7.32
C ASN A 318 9.88 -32.46 8.39
N GLU A 319 9.27 -32.25 9.56
CA GLU A 319 9.99 -32.06 10.82
C GLU A 319 10.88 -30.84 10.95
N ASP A 320 11.67 -30.82 12.04
CA ASP A 320 12.47 -29.69 12.45
C ASP A 320 11.61 -28.44 12.51
N VAL A 321 10.85 -28.30 13.58
CA VAL A 321 9.87 -27.23 13.72
C VAL A 321 10.55 -25.89 13.48
N SER A 322 11.85 -25.82 13.71
CA SER A 322 12.58 -24.60 13.37
C SER A 322 12.41 -24.26 11.89
N GLU A 323 12.35 -25.29 11.02
CA GLU A 323 12.18 -25.02 9.60
C GLU A 323 10.83 -24.40 9.29
N VAL A 324 9.77 -24.89 9.95
CA VAL A 324 8.43 -24.35 9.71
C VAL A 324 8.15 -23.09 10.51
N ALA A 325 8.99 -22.77 11.49
CA ALA A 325 8.81 -21.58 12.32
C ALA A 325 10.02 -20.66 12.20
N LYS A 326 10.62 -20.60 11.01
CA LYS A 326 11.76 -19.74 10.78
C LYS A 326 11.36 -18.28 10.85
N ASP A 327 10.31 -17.90 10.12
CA ASP A 327 9.87 -16.50 10.09
C ASP A 327 9.23 -16.12 11.42
N ALA A 328 9.76 -15.08 12.04
CA ALA A 328 9.28 -14.56 13.31
C ALA A 328 8.55 -13.24 13.07
N GLY A 329 7.28 -13.33 12.66
CA GLY A 329 6.50 -12.14 12.41
C GLY A 329 5.04 -12.48 12.20
N PRO A 330 4.29 -11.57 11.58
CA PRO A 330 2.86 -11.87 11.31
C PRO A 330 2.70 -13.09 10.43
N SER A 331 3.73 -13.41 9.63
CA SER A 331 3.68 -14.58 8.76
C SER A 331 3.55 -15.86 9.54
N LEU A 332 4.02 -15.87 10.80
CA LEU A 332 3.86 -17.09 11.60
C LEU A 332 2.39 -17.33 11.89
N LEU A 333 1.58 -16.28 11.94
CA LEU A 333 0.16 -16.41 12.19
C LEU A 333 -0.65 -16.35 10.91
N PHE A 334 -0.32 -15.42 10.02
CA PHE A 334 -1.12 -15.20 8.82
C PHE A 334 -0.78 -16.17 7.70
N ILE A 335 0.40 -16.80 7.74
CA ILE A 335 0.77 -17.73 6.68
C ILE A 335 0.91 -19.14 7.25
N THR A 336 1.91 -19.35 8.11
CA THR A 336 2.16 -20.68 8.64
C THR A 336 0.94 -21.20 9.39
N TYR A 337 0.56 -20.52 10.48
CA TYR A 337 -0.55 -20.97 11.30
C TYR A 337 -1.84 -21.00 10.50
N ALA A 338 -2.06 -19.99 9.64
CA ALA A 338 -3.27 -19.95 8.83
C ALA A 338 -3.31 -21.12 7.84
N GLU A 339 -2.20 -21.40 7.18
CA GLU A 339 -2.19 -22.54 6.26
C GLU A 339 -2.43 -23.84 7.03
N ALA A 340 -1.95 -23.92 8.28
CA ALA A 340 -2.22 -25.11 9.08
C ALA A 340 -3.70 -25.22 9.48
N ILE A 341 -4.35 -24.08 9.77
CA ILE A 341 -5.77 -24.11 10.14
C ILE A 341 -6.61 -24.51 8.93
N ALA A 342 -6.24 -24.04 7.73
CA ALA A 342 -7.03 -24.30 6.53
C ALA A 342 -7.17 -25.79 6.26
N ASN A 343 -6.22 -26.59 6.72
CA ASN A 343 -6.20 -28.03 6.48
C ASN A 343 -6.87 -28.82 7.60
N MET A 344 -7.77 -28.19 8.36
CA MET A 344 -8.48 -28.82 9.46
C MET A 344 -9.99 -28.75 9.25
N PRO A 345 -10.73 -29.72 9.79
CA PRO A 345 -12.20 -29.69 9.72
C PRO A 345 -12.80 -28.46 10.41
N ALA A 346 -13.95 -28.02 9.89
CA ALA A 346 -14.59 -26.79 10.37
C ALA A 346 -13.63 -25.61 10.29
N SER A 347 -12.95 -25.52 9.14
CA SER A 347 -11.94 -24.49 8.93
C SER A 347 -12.53 -23.10 9.08
N THR A 348 -13.76 -22.90 8.61
CA THR A 348 -14.43 -21.61 8.78
C THR A 348 -14.48 -21.23 10.25
N PHE A 349 -14.87 -22.18 11.10
CA PHE A 349 -14.93 -21.94 12.55
C PHE A 349 -13.59 -21.52 13.12
N PHE A 350 -12.56 -22.37 12.97
CA PHE A 350 -11.25 -22.06 13.56
C PHE A 350 -10.59 -20.84 12.94
N ALA A 351 -11.08 -20.40 11.77
CA ALA A 351 -10.56 -19.18 11.18
C ALA A 351 -11.25 -17.99 11.82
N ILE A 352 -12.58 -18.05 11.93
CA ILE A 352 -13.31 -16.95 12.55
C ILE A 352 -12.79 -16.73 13.96
N ILE A 353 -12.71 -17.80 14.76
CA ILE A 353 -12.27 -17.63 16.14
C ILE A 353 -10.80 -17.24 16.20
N PHE A 354 -10.00 -17.61 15.18
CA PHE A 354 -8.59 -17.26 15.23
C PHE A 354 -8.39 -15.77 14.96
N PHE A 355 -8.94 -15.27 13.84
CA PHE A 355 -8.80 -13.86 13.51
C PHE A 355 -9.57 -12.99 14.51
N LEU A 356 -10.74 -13.45 14.94
CA LEU A 356 -11.49 -12.78 15.99
C LEU A 356 -10.68 -12.72 17.28
N MET A 357 -9.93 -13.79 17.56
CA MET A 357 -9.06 -13.79 18.72
C MET A 357 -8.01 -12.70 18.59
N LEU A 358 -7.38 -12.62 17.41
CA LEU A 358 -6.41 -11.56 17.16
C LEU A 358 -7.01 -10.17 17.41
N ILE A 359 -8.18 -9.91 16.83
CA ILE A 359 -8.84 -8.61 17.00
C ILE A 359 -9.10 -8.32 18.48
N THR A 360 -9.61 -9.31 19.22
CA THR A 360 -9.85 -9.09 20.65
C THR A 360 -8.56 -9.01 21.46
N LEU A 361 -7.47 -9.55 20.92
CA LEU A 361 -6.15 -9.44 21.53
C LEU A 361 -5.63 -8.01 21.42
N GLY A 362 -5.89 -7.38 20.28
CA GLY A 362 -5.47 -6.03 19.96
C GLY A 362 -6.33 -4.96 20.62
N LEU A 363 -7.63 -5.23 20.70
CA LEU A 363 -8.58 -4.19 21.09
C LEU A 363 -8.31 -3.70 22.51
N ASP A 364 -8.07 -4.60 23.47
CA ASP A 364 -7.98 -4.15 24.85
C ASP A 364 -6.77 -3.23 25.00
N SER A 365 -5.68 -3.58 24.31
CA SER A 365 -4.45 -2.81 24.33
C SER A 365 -4.61 -1.48 23.59
N SER A 366 -5.38 -1.42 22.51
CA SER A 366 -5.59 -0.10 21.92
C SER A 366 -6.53 0.76 22.78
N PHE A 367 -7.52 0.15 23.42
CA PHE A 367 -8.32 0.83 24.42
C PHE A 367 -7.47 1.51 25.48
N ALA A 368 -6.60 0.74 26.13
CA ALA A 368 -5.77 1.32 27.18
C ALA A 368 -4.83 2.36 26.59
N GLY A 369 -4.17 2.00 25.48
CA GLY A 369 -3.25 2.84 24.75
C GLY A 369 -3.79 4.24 24.58
N LEU A 370 -5.07 4.32 24.20
CA LEU A 370 -5.72 5.62 24.07
C LEU A 370 -6.12 6.18 25.43
N GLU A 371 -6.54 5.31 26.34
CA GLU A 371 -7.05 5.77 27.63
C GLU A 371 -6.01 6.62 28.36
N GLY A 372 -4.75 6.17 28.35
CA GLY A 372 -3.70 6.92 29.03
C GLY A 372 -3.49 8.31 28.45
N VAL A 373 -3.43 8.40 27.13
CA VAL A 373 -3.21 9.69 26.48
C VAL A 373 -4.38 10.63 26.72
N ILE A 374 -5.61 10.14 26.52
CA ILE A 374 -6.79 10.97 26.75
C ILE A 374 -6.84 11.48 28.18
N THR A 375 -6.61 10.59 29.15
CA THR A 375 -6.59 11.01 30.55
C THR A 375 -5.52 12.07 30.79
N ALA A 376 -4.33 11.87 30.22
CA ALA A 376 -3.24 12.82 30.39
C ALA A 376 -3.60 14.21 29.84
N VAL A 377 -4.08 14.26 28.60
CA VAL A 377 -4.40 15.54 27.98
C VAL A 377 -5.55 16.24 28.70
N LEU A 378 -6.58 15.49 29.09
CA LEU A 378 -7.68 16.12 29.80
C LEU A 378 -7.24 16.65 31.16
N ASP A 379 -6.30 15.98 31.82
CA ASP A 379 -5.80 16.46 33.11
C ASP A 379 -4.77 17.58 33.01
N GLU A 380 -4.05 17.70 31.88
CA GLU A 380 -3.07 18.78 31.76
C GLU A 380 -3.71 20.09 31.34
N PHE A 381 -4.75 20.05 30.50
CA PHE A 381 -5.48 21.24 30.08
C PHE A 381 -6.93 21.11 30.55
N PRO A 382 -7.16 21.14 31.86
CA PRO A 382 -8.53 20.95 32.36
C PRO A 382 -9.34 22.22 32.16
N HIS A 383 -10.62 22.01 31.83
CA HIS A 383 -11.61 23.06 31.66
C HIS A 383 -11.25 23.91 30.43
N VAL A 384 -10.00 23.81 29.97
CA VAL A 384 -9.73 24.15 28.58
C VAL A 384 -10.06 22.94 27.74
N TRP A 385 -9.88 21.75 28.32
CA TRP A 385 -10.40 20.48 27.84
C TRP A 385 -11.45 19.97 28.82
N ALA A 386 -11.93 18.75 28.56
CA ALA A 386 -13.00 18.08 29.29
C ALA A 386 -14.33 18.75 29.05
N LYS A 387 -14.35 19.84 28.26
CA LYS A 387 -15.61 20.47 27.86
C LYS A 387 -16.56 19.44 27.26
N ARG A 388 -16.03 18.56 26.41
CA ARG A 388 -16.60 17.26 26.15
C ARG A 388 -15.47 16.25 25.98
N ARG A 389 -15.75 14.99 26.32
CA ARG A 389 -14.72 13.98 26.14
C ARG A 389 -14.79 13.44 24.72
N GLU A 390 -16.01 13.33 24.19
CA GLU A 390 -16.22 12.80 22.84
C GLU A 390 -15.48 13.62 21.80
N ARG A 391 -15.37 14.94 22.01
CA ARG A 391 -14.66 15.78 21.05
C ARG A 391 -13.18 15.40 20.97
N PHE A 392 -12.52 15.31 22.13
CA PHE A 392 -11.10 14.97 22.16
C PHE A 392 -10.88 13.53 21.66
N VAL A 393 -11.70 12.59 22.15
CA VAL A 393 -11.57 11.20 21.73
C VAL A 393 -11.72 11.07 20.22
N LEU A 394 -12.70 11.77 19.64
CA LEU A 394 -12.85 11.75 18.19
C LEU A 394 -11.62 12.33 17.50
N ALA A 395 -11.11 13.45 18.00
CA ALA A 395 -9.94 14.06 17.37
C ALA A 395 -8.73 13.12 17.43
N VAL A 396 -8.71 12.24 18.41
CA VAL A 396 -7.61 11.28 18.50
C VAL A 396 -7.84 10.12 17.53
N VAL A 397 -9.04 9.55 17.53
CA VAL A 397 -9.29 8.41 16.64
C VAL A 397 -9.05 8.81 15.19
N ILE A 398 -9.59 9.97 14.79
CA ILE A 398 -9.41 10.45 13.42
C ILE A 398 -7.93 10.72 13.15
N THR A 399 -7.23 11.33 14.10
CA THR A 399 -5.81 11.59 13.91
C THR A 399 -5.05 10.29 13.68
N CYS A 400 -5.39 9.24 14.43
CA CYS A 400 -4.74 7.95 14.19
C CYS A 400 -5.08 7.39 12.82
N PHE A 401 -6.30 7.63 12.33
CA PHE A 401 -6.63 7.13 10.99
C PHE A 401 -5.76 7.80 9.93
N PHE A 402 -5.66 9.13 9.98
CA PHE A 402 -4.78 9.80 9.03
C PHE A 402 -3.31 9.46 9.26
N GLY A 403 -2.96 9.08 10.48
CA GLY A 403 -1.61 8.67 10.82
C GLY A 403 -1.28 7.26 10.41
N SER A 404 -2.29 6.49 10.04
CA SER A 404 -2.14 5.11 9.62
C SER A 404 -2.15 4.98 8.12
N LEU A 405 -2.33 6.09 7.40
CA LEU A 405 -2.39 6.05 5.95
C LEU A 405 -1.04 5.66 5.39
N VAL A 406 0.04 5.96 6.11
CA VAL A 406 1.38 5.55 5.67
C VAL A 406 1.48 4.05 5.77
N THR A 407 0.76 3.46 6.73
CA THR A 407 0.80 2.03 6.96
C THR A 407 -0.20 1.32 6.07
N LEU A 408 -1.22 2.03 5.59
CA LEU A 408 -2.23 1.45 4.73
C LEU A 408 -1.78 1.36 3.28
N THR A 409 -0.56 1.80 2.99
CA THR A 409 -0.03 1.76 1.64
C THR A 409 0.32 0.32 1.25
N PHE A 410 0.71 0.16 -0.01
CA PHE A 410 1.09 -1.16 -0.52
C PHE A 410 2.35 -1.67 0.18
N GLY A 411 3.29 -0.77 0.44
CA GLY A 411 4.51 -1.06 1.15
C GLY A 411 4.38 -0.70 2.63
N GLY A 412 3.25 -1.09 3.21
CA GLY A 412 2.95 -0.75 4.59
C GLY A 412 3.71 -1.61 5.56
N ALA A 413 3.92 -2.88 5.23
CA ALA A 413 4.61 -3.79 6.14
C ALA A 413 6.03 -3.29 6.42
N TYR A 414 6.69 -2.71 5.41
CA TYR A 414 8.00 -2.13 5.60
C TYR A 414 7.98 -1.06 6.69
N VAL A 415 6.99 -0.16 6.60
CA VAL A 415 6.83 0.89 7.60
C VAL A 415 6.51 0.30 8.96
N VAL A 416 5.75 -0.80 8.99
CA VAL A 416 5.42 -1.46 10.26
C VAL A 416 6.68 -1.93 10.96
N LYS A 417 7.51 -2.70 10.25
CA LYS A 417 8.78 -3.14 10.84
C LYS A 417 9.62 -1.97 11.31
N LEU A 418 9.81 -0.97 10.43
CA LEU A 418 10.69 0.16 10.75
C LEU A 418 10.23 0.86 12.03
N LEU A 419 8.93 1.14 12.13
CA LEU A 419 8.40 1.83 13.31
C LEU A 419 8.42 0.96 14.55
N GLU A 420 8.20 -0.35 14.40
CA GLU A 420 8.11 -1.21 15.56
C GLU A 420 9.47 -1.49 16.17
N GLU A 421 10.53 -1.48 15.38
CA GLU A 421 11.84 -1.87 15.91
C GLU A 421 12.83 -0.73 16.03
N TYR A 422 12.77 0.26 15.14
CA TYR A 422 13.74 1.35 15.14
C TYR A 422 13.24 2.62 15.81
N ALA A 423 11.94 2.78 16.01
CA ALA A 423 11.38 4.02 16.53
C ALA A 423 10.86 3.85 17.96
N THR A 424 9.69 3.23 18.09
CA THR A 424 8.98 3.16 19.37
C THR A 424 9.78 2.45 20.45
N GLY A 425 10.33 1.27 20.15
CA GLY A 425 11.02 0.46 21.14
C GLY A 425 12.05 1.19 21.99
N PRO A 426 13.14 1.68 21.38
CA PRO A 426 14.16 2.36 22.18
C PRO A 426 13.66 3.60 22.91
N ALA A 427 12.61 4.25 22.39
CA ALA A 427 12.06 5.42 23.07
C ALA A 427 11.22 5.06 24.28
N VAL A 428 10.42 4.00 24.19
CA VAL A 428 9.65 3.55 25.34
C VAL A 428 10.59 3.05 26.43
N LEU A 429 11.62 2.31 26.04
CA LEU A 429 12.61 1.89 27.02
C LEU A 429 13.28 3.11 27.66
N THR A 430 13.57 4.13 26.84
CA THR A 430 14.21 5.34 27.36
C THR A 430 13.31 6.07 28.36
N VAL A 431 12.08 6.37 27.97
CA VAL A 431 11.17 7.12 28.85
C VAL A 431 10.83 6.29 30.07
N ALA A 432 10.80 4.96 29.95
CA ALA A 432 10.60 4.13 31.12
C ALA A 432 11.78 4.28 32.08
N LEU A 433 13.00 4.34 31.54
CA LEU A 433 14.16 4.58 32.38
C LEU A 433 14.12 5.95 33.05
N ILE A 434 13.74 6.97 32.29
CA ILE A 434 13.66 8.33 32.83
C ILE A 434 12.62 8.41 33.93
N GLU A 435 11.46 7.78 33.72
CA GLU A 435 10.42 7.76 34.74
C GLU A 435 10.90 6.99 35.98
N ALA A 436 11.49 5.82 35.77
CA ALA A 436 11.99 5.01 36.88
C ALA A 436 13.04 5.76 37.69
N VAL A 437 13.87 6.56 37.00
CA VAL A 437 14.89 7.34 37.67
C VAL A 437 14.28 8.51 38.41
N ALA A 438 13.29 9.18 37.80
CA ALA A 438 12.72 10.35 38.45
C ALA A 438 12.00 9.92 39.71
N VAL A 439 11.17 8.87 39.61
CA VAL A 439 10.39 8.43 40.75
C VAL A 439 11.30 7.83 41.82
N SER A 440 12.38 7.15 41.43
CA SER A 440 13.17 6.46 42.43
C SER A 440 14.24 7.34 43.07
N TRP A 441 14.86 8.23 42.29
CA TRP A 441 16.02 9.00 42.72
C TRP A 441 15.78 10.50 42.89
N PHE A 442 14.62 11.01 42.49
CA PHE A 442 14.28 12.43 42.63
C PHE A 442 13.18 12.63 43.66
N TYR A 443 12.03 12.00 43.45
CA TYR A 443 10.92 12.12 44.39
C TYR A 443 11.29 11.46 45.71
N GLY A 444 12.18 10.47 45.66
CA GLY A 444 12.63 9.75 46.83
C GLY A 444 11.89 8.45 47.00
N ILE A 445 12.65 7.36 47.14
CA ILE A 445 12.01 6.07 47.27
C ILE A 445 11.43 5.93 48.66
N THR A 446 12.01 6.62 49.64
CA THR A 446 11.51 6.56 51.01
C THR A 446 10.12 7.19 51.10
N GLN A 447 9.96 8.36 50.47
CA GLN A 447 8.66 9.02 50.47
C GLN A 447 7.65 8.21 49.69
N PHE A 448 8.10 7.52 48.64
CA PHE A 448 7.21 6.64 47.88
C PHE A 448 6.72 5.50 48.76
N CYS A 449 7.63 4.88 49.50
CA CYS A 449 7.22 3.81 50.41
C CYS A 449 6.31 4.34 51.52
N ARG A 450 6.44 5.62 51.87
CA ARG A 450 5.57 6.20 52.88
C ARG A 450 4.18 6.45 52.29
N ASP A 451 4.13 6.84 51.02
CA ASP A 451 2.84 7.06 50.35
C ASP A 451 2.10 5.74 50.19
N VAL A 452 2.82 4.68 49.80
CA VAL A 452 2.20 3.36 49.75
C VAL A 452 1.77 2.95 51.15
N LYS A 453 2.56 3.33 52.16
CA LYS A 453 2.19 3.02 53.54
C LYS A 453 0.93 3.77 53.97
N GLU A 454 0.64 4.91 53.33
CA GLU A 454 -0.58 5.65 53.62
C GLU A 454 -1.77 5.05 52.88
N MET A 455 -1.58 4.71 51.61
CA MET A 455 -2.68 4.18 50.81
C MET A 455 -3.04 2.76 51.22
N LEU A 456 -2.08 1.84 51.11
CA LEU A 456 -2.31 0.43 51.40
C LEU A 456 -2.29 0.12 52.88
N GLY A 457 -1.79 1.03 53.72
CA GLY A 457 -1.71 0.82 55.14
C GLY A 457 -0.41 0.22 55.63
N PHE A 458 0.47 -0.23 54.73
CA PHE A 458 1.74 -0.79 55.15
C PHE A 458 2.84 -0.41 54.17
N SER A 459 4.04 -0.22 54.71
CA SER A 459 5.19 0.13 53.88
C SER A 459 5.67 -1.07 53.08
N PRO A 460 6.06 -0.86 51.82
CA PRO A 460 6.56 -1.97 51.00
C PRO A 460 7.84 -2.56 51.57
N GLY A 461 8.03 -3.85 51.32
CA GLY A 461 9.16 -4.60 51.85
C GLY A 461 10.51 -4.09 51.35
N TRP A 462 11.57 -4.58 52.01
CA TRP A 462 12.92 -4.20 51.62
C TRP A 462 13.24 -4.70 50.22
N PHE A 463 12.63 -5.82 49.82
CA PHE A 463 12.82 -6.39 48.48
C PHE A 463 12.39 -5.40 47.40
N TRP A 464 11.33 -4.63 47.67
CA TRP A 464 10.84 -3.70 46.65
C TRP A 464 11.60 -2.40 46.70
N ARG A 465 11.98 -1.94 47.89
CA ARG A 465 12.76 -0.72 47.95
C ARG A 465 14.07 -0.93 47.22
N ILE A 466 14.75 -2.04 47.53
CA ILE A 466 16.02 -2.35 46.88
C ILE A 466 15.83 -2.62 45.39
N CYS A 467 14.61 -2.98 44.95
CA CYS A 467 14.41 -3.17 43.52
C CYS A 467 14.26 -1.84 42.80
N TRP A 468 13.45 -0.93 43.35
CA TRP A 468 13.24 0.37 42.71
C TRP A 468 14.52 1.20 42.77
N VAL A 469 15.31 1.07 43.83
CA VAL A 469 16.49 1.92 43.98
C VAL A 469 17.53 1.56 42.93
N ALA A 470 17.84 0.27 42.78
CA ALA A 470 18.95 -0.14 41.95
C ALA A 470 18.59 -1.13 40.84
N ILE A 471 17.76 -2.13 41.12
CA ILE A 471 17.57 -3.24 40.18
C ILE A 471 16.86 -2.78 38.91
N SER A 472 15.80 -1.98 39.04
CA SER A 472 15.01 -1.62 37.87
C SER A 472 15.75 -0.68 36.91
N PRO A 473 16.40 0.40 37.38
CA PRO A 473 17.11 1.25 36.41
C PRO A 473 18.22 0.50 35.68
N LEU A 474 18.92 -0.42 36.35
CA LEU A 474 19.92 -1.21 35.64
C LEU A 474 19.24 -2.19 34.69
N PHE A 475 18.02 -2.62 35.03
CA PHE A 475 17.27 -3.53 34.17
C PHE A 475 16.93 -2.87 32.84
N LEU A 476 16.50 -1.62 32.88
CA LEU A 476 16.20 -0.91 31.63
C LEU A 476 17.50 -0.51 30.92
N LEU A 477 18.48 -0.07 31.70
CA LEU A 477 19.76 0.38 31.14
C LEU A 477 20.41 -0.73 30.32
N PHE A 478 20.31 -1.97 30.79
CA PHE A 478 20.91 -3.10 30.07
C PHE A 478 20.28 -3.27 28.69
N ILE A 479 18.94 -3.17 28.60
CA ILE A 479 18.27 -3.35 27.33
C ILE A 479 18.60 -2.21 26.38
N ILE A 480 18.50 -0.97 26.87
CA ILE A 480 18.82 0.20 26.04
C ILE A 480 20.24 0.10 25.50
N ALA A 481 21.22 -0.15 26.38
CA ALA A 481 22.61 -0.25 25.95
C ALA A 481 22.80 -1.39 24.95
N SER A 482 22.17 -2.54 25.20
CA SER A 482 22.31 -3.68 24.29
C SER A 482 21.79 -3.35 22.89
N PHE A 483 20.67 -2.63 22.81
CA PHE A 483 20.14 -2.25 21.51
C PHE A 483 21.05 -1.23 20.82
N LEU A 484 21.39 -0.15 21.53
CA LEU A 484 22.19 0.92 20.93
C LEU A 484 23.57 0.43 20.49
N MET A 485 24.11 -0.57 21.18
CA MET A 485 25.45 -1.08 20.85
C MET A 485 25.43 -1.91 19.56
N SER A 486 24.30 -2.52 19.21
CA SER A 486 24.23 -3.33 18.00
C SER A 486 22.77 -3.41 17.53
N PRO A 487 22.30 -2.41 16.80
CA PRO A 487 20.94 -2.46 16.25
C PRO A 487 20.82 -3.59 15.24
N PRO A 488 19.75 -4.38 15.32
CA PRO A 488 19.60 -5.52 14.40
C PRO A 488 19.38 -5.10 12.96
N GLN A 489 20.00 -5.84 12.05
CA GLN A 489 19.86 -5.63 10.60
C GLN A 489 18.47 -6.07 10.13
N LEU A 490 17.68 -5.13 9.59
CA LEU A 490 16.30 -5.42 9.25
C LEU A 490 16.16 -6.09 7.88
N ARG A 491 15.28 -7.09 7.81
CA ARG A 491 14.95 -7.81 6.58
C ARG A 491 13.49 -8.25 6.68
N LEU A 492 12.75 -8.12 5.58
CA LEU A 492 11.34 -8.49 5.56
C LEU A 492 10.90 -8.89 4.16
N PHE A 493 10.41 -10.12 4.03
CA PHE A 493 9.84 -10.64 2.78
C PHE A 493 10.81 -10.52 1.61
N GLN A 494 11.95 -11.19 1.77
CA GLN A 494 13.00 -11.24 0.75
C GLN A 494 13.42 -9.83 0.33
N TYR A 495 13.38 -8.89 1.26
CA TYR A 495 13.75 -7.50 1.00
C TYR A 495 14.57 -7.02 2.17
N ASN A 496 15.84 -6.73 1.92
CA ASN A 496 16.72 -6.23 2.96
C ASN A 496 16.55 -4.73 3.02
N TYR A 497 16.40 -4.20 4.23
CA TYR A 497 16.18 -2.78 4.36
C TYR A 497 17.44 -2.03 3.96
N PRO A 498 17.30 -0.86 3.32
CA PRO A 498 18.48 -0.06 2.98
C PRO A 498 19.28 0.27 4.23
N TYR A 499 20.55 0.61 4.00
CA TYR A 499 21.46 0.91 5.10
C TYR A 499 21.04 2.17 5.84
N TRP A 500 20.29 3.07 5.21
CA TRP A 500 19.87 4.31 5.84
C TRP A 500 18.58 4.15 6.62
N SER A 501 18.04 2.94 6.68
CA SER A 501 16.78 2.71 7.39
C SER A 501 16.90 3.06 8.85
N ILE A 502 18.05 2.78 9.47
CA ILE A 502 18.21 3.07 10.88
C ILE A 502 18.19 4.56 11.10
N ILE A 503 18.63 5.35 10.12
CA ILE A 503 18.63 6.78 10.30
C ILE A 503 17.19 7.27 10.34
N LEU A 504 16.36 6.67 9.49
CA LEU A 504 14.95 7.05 9.49
C LEU A 504 14.34 6.60 10.80
N GLY A 505 14.65 5.38 11.22
CA GLY A 505 14.15 4.93 12.50
C GLY A 505 14.62 5.85 13.62
N TYR A 506 15.92 6.17 13.61
CA TYR A 506 16.40 7.08 14.64
C TYR A 506 15.80 8.46 14.47
N ALA A 507 15.51 8.87 13.23
CA ALA A 507 14.91 10.18 13.05
C ALA A 507 13.54 10.19 13.67
N ILE A 508 12.76 9.13 13.42
CA ILE A 508 11.44 9.09 14.02
C ILE A 508 11.58 8.94 15.51
N GLY A 509 12.60 8.20 15.94
CA GLY A 509 12.80 8.03 17.37
C GLY A 509 13.17 9.36 18.02
N THR A 510 14.13 10.08 17.42
CA THR A 510 14.57 11.32 18.05
C THR A 510 13.49 12.40 18.04
N SER A 511 12.66 12.43 17.01
CA SER A 511 11.64 13.47 16.98
C SER A 511 10.59 13.24 18.06
N SER A 512 10.58 12.08 18.72
CA SER A 512 9.59 11.81 19.75
C SER A 512 9.96 12.44 21.09
N PHE A 513 11.23 12.33 21.49
CA PHE A 513 11.65 12.86 22.79
C PHE A 513 12.46 14.15 22.68
N ILE A 514 12.12 15.03 21.73
CA ILE A 514 12.77 16.34 21.70
C ILE A 514 12.19 17.21 22.81
N CYS A 515 11.05 16.80 23.37
CA CYS A 515 10.32 17.62 24.32
C CYS A 515 10.89 17.51 25.72
N ILE A 516 11.47 16.37 26.10
CA ILE A 516 11.95 16.32 27.47
C ILE A 516 13.20 17.20 27.57
N PRO A 517 14.20 17.16 26.64
CA PRO A 517 15.35 18.05 26.84
C PRO A 517 14.99 19.49 26.48
N THR A 518 14.12 19.70 25.48
CA THR A 518 13.76 21.07 25.16
C THR A 518 12.82 21.64 26.20
N TYR A 519 12.10 20.78 26.91
CA TYR A 519 11.24 21.22 28.00
C TYR A 519 12.04 21.43 29.27
N ILE A 520 13.04 20.57 29.54
CA ILE A 520 13.92 20.84 30.66
C ILE A 520 14.60 22.17 30.44
N ALA A 521 15.09 22.41 29.22
CA ALA A 521 15.68 23.69 28.91
C ALA A 521 14.63 24.79 28.92
N TYR A 522 13.39 24.48 28.52
CA TYR A 522 12.31 25.47 28.52
C TYR A 522 11.97 25.94 29.93
N ARG A 523 11.64 25.01 30.83
CA ARG A 523 11.31 25.35 32.21
C ARG A 523 12.53 25.87 32.95
N LEU A 524 13.69 25.32 32.62
CA LEU A 524 14.97 25.70 33.20
C LEU A 524 15.36 27.09 32.73
N ILE A 525 14.83 27.49 31.57
CA ILE A 525 15.09 28.77 30.94
C ILE A 525 14.03 29.80 31.28
N ILE A 526 12.91 29.40 31.87
CA ILE A 526 11.81 30.29 32.19
C ILE A 526 11.91 30.83 33.62
N THR A 527 12.27 29.98 34.58
CA THR A 527 12.34 30.36 36.00
C THR A 527 13.53 31.27 36.29
N PRO A 528 13.28 32.49 36.81
CA PRO A 528 14.36 33.44 37.12
C PRO A 528 15.32 33.04 38.23
N GLY A 529 16.31 33.93 38.46
CA GLY A 529 17.34 33.77 39.48
C GLY A 529 18.48 32.86 39.08
N THR A 530 19.26 32.45 40.09
CA THR A 530 20.38 31.57 39.88
C THR A 530 19.92 30.16 39.49
N PHE A 531 20.82 29.42 38.83
CA PHE A 531 20.51 28.06 38.42
C PHE A 531 20.32 27.13 39.61
N LYS A 532 20.93 27.42 40.76
CA LYS A 532 20.74 26.57 41.92
C LYS A 532 19.34 26.77 42.49
N GLU A 533 18.85 28.00 42.45
CA GLU A 533 17.51 28.29 42.94
C GLU A 533 16.46 27.76 41.96
N ARG A 534 16.74 27.84 40.66
CA ARG A 534 15.81 27.31 39.68
C ARG A 534 15.74 25.79 39.72
N ILE A 535 16.89 25.11 39.85
CA ILE A 535 16.82 23.66 39.94
C ILE A 535 16.36 23.21 41.31
N ILE A 536 16.42 24.06 42.32
CA ILE A 536 15.89 23.66 43.62
C ILE A 536 14.38 23.80 43.65
N LYS A 537 13.85 24.86 43.02
CA LYS A 537 12.42 24.98 42.89
C LYS A 537 11.88 24.06 41.79
N SER A 538 12.76 23.48 40.97
CA SER A 538 12.36 22.60 39.89
C SER A 538 12.46 21.12 40.26
N ILE A 539 13.27 20.76 41.25
CA ILE A 539 13.36 19.35 41.63
C ILE A 539 12.39 19.03 42.76
N THR A 540 12.28 19.94 43.75
CA THR A 540 11.35 19.74 44.85
C THR A 540 9.92 20.03 44.41
N PRO A 541 8.97 19.16 44.75
CA PRO A 541 7.57 19.39 44.38
C PRO A 541 7.03 20.70 44.95
N GLU A 542 5.92 21.14 44.37
CA GLU A 542 5.28 22.38 44.81
C GLU A 542 4.96 22.32 46.30
N THR A 543 5.24 23.42 47.00
CA THR A 543 5.08 23.44 48.46
C THR A 543 3.63 23.28 48.89
N PRO A 544 2.66 24.06 48.40
CA PRO A 544 1.30 23.85 48.92
C PRO A 544 0.64 22.61 48.33
N GLU B 1 8.26 -10.17 -13.32
CA GLU B 1 8.40 -11.58 -13.63
C GLU B 1 8.83 -11.78 -15.09
N VAL B 2 7.95 -12.40 -15.87
CA VAL B 2 8.14 -12.53 -17.31
C VAL B 2 8.12 -11.17 -17.99
N GLN B 3 9.28 -10.72 -18.50
CA GLN B 3 9.37 -9.43 -19.17
C GLN B 3 9.97 -9.64 -20.56
N LEU B 4 9.37 -8.99 -21.55
CA LEU B 4 9.84 -8.99 -22.93
C LEU B 4 10.10 -7.55 -23.36
N GLN B 5 11.38 -7.15 -23.44
CA GLN B 5 11.72 -5.78 -23.78
C GLN B 5 12.15 -5.74 -25.23
N GLN B 6 11.39 -5.02 -26.06
CA GLN B 6 11.70 -4.90 -27.49
C GLN B 6 12.54 -3.66 -27.74
N SER B 7 12.82 -3.38 -29.00
CA SER B 7 13.58 -2.18 -29.30
C SER B 7 12.64 -0.99 -29.43
N GLY B 8 13.24 0.20 -29.50
CA GLY B 8 12.50 1.44 -29.61
C GLY B 8 11.93 1.64 -30.98
N PRO B 9 11.34 2.81 -31.23
CA PRO B 9 10.77 3.06 -32.55
C PRO B 9 11.88 3.13 -33.59
N GLU B 10 11.52 2.81 -34.82
CA GLU B 10 12.49 2.79 -35.91
C GLU B 10 11.93 3.57 -37.09
N LEU B 11 12.72 4.49 -37.60
CA LEU B 11 12.39 5.26 -38.79
C LEU B 11 13.40 4.86 -39.87
N VAL B 12 12.92 4.19 -40.92
CA VAL B 12 13.81 3.67 -41.93
C VAL B 12 13.26 4.04 -43.30
N LYS B 13 14.17 4.29 -44.24
CA LYS B 13 13.76 4.63 -45.59
C LYS B 13 13.25 3.40 -46.32
N PRO B 14 12.24 3.57 -47.19
CA PRO B 14 11.72 2.44 -47.97
C PRO B 14 12.80 1.75 -48.78
N GLY B 15 12.75 0.43 -48.81
CA GLY B 15 13.70 -0.38 -49.54
C GLY B 15 14.83 -0.90 -48.70
N ALA B 16 15.04 -0.31 -47.52
CA ALA B 16 16.09 -0.70 -46.59
C ALA B 16 15.60 -1.84 -45.72
N SER B 17 16.36 -2.15 -44.67
CA SER B 17 16.02 -3.22 -43.74
C SER B 17 16.04 -2.66 -42.34
N VAL B 18 15.37 -3.37 -41.44
CA VAL B 18 15.32 -2.97 -40.04
C VAL B 18 15.26 -4.23 -39.19
N LYS B 19 16.00 -4.22 -38.09
CA LYS B 19 16.04 -5.34 -37.16
C LYS B 19 15.47 -4.91 -35.83
N ILE B 20 14.57 -5.72 -35.28
CA ILE B 20 13.93 -5.47 -34.00
C ILE B 20 14.35 -6.58 -33.05
N SER B 21 14.72 -6.19 -31.83
CA SER B 21 15.18 -7.12 -30.81
C SER B 21 14.06 -7.51 -29.85
N CYS B 22 14.36 -8.44 -28.94
CA CYS B 22 13.36 -8.94 -27.99
C CYS B 22 14.09 -9.67 -26.85
N LYS B 23 14.38 -8.94 -25.78
CA LYS B 23 15.05 -9.50 -24.61
C LYS B 23 14.03 -10.12 -23.66
N ALA B 24 14.22 -11.41 -23.36
CA ALA B 24 13.29 -12.16 -22.52
C ALA B 24 13.87 -12.38 -21.12
N SER B 25 12.99 -12.37 -20.12
CA SER B 25 13.42 -12.66 -18.75
C SER B 25 12.22 -13.17 -17.95
N GLY B 26 12.52 -13.84 -16.83
CA GLY B 26 11.50 -14.32 -15.93
C GLY B 26 10.99 -15.72 -16.15
N TYR B 27 11.55 -16.46 -17.11
CA TYR B 27 11.12 -17.82 -17.38
C TYR B 27 12.23 -18.57 -18.10
N THR B 28 12.07 -19.88 -18.19
CA THR B 28 13.02 -20.73 -18.90
C THR B 28 12.87 -20.47 -20.40
N PHE B 29 13.86 -19.77 -20.97
CA PHE B 29 13.79 -19.32 -22.36
C PHE B 29 13.71 -20.46 -23.36
N THR B 30 14.26 -21.62 -23.03
CA THR B 30 14.28 -22.74 -23.96
C THR B 30 13.00 -23.56 -23.89
N ASP B 31 12.03 -23.09 -23.11
CA ASP B 31 10.79 -23.82 -22.89
C ASP B 31 9.65 -23.34 -23.78
N TYR B 32 9.68 -22.11 -24.27
CA TYR B 32 8.55 -21.55 -25.01
C TYR B 32 8.95 -21.03 -26.38
N TYR B 33 8.01 -21.18 -27.32
CA TYR B 33 8.11 -20.59 -28.65
C TYR B 33 8.14 -19.06 -28.58
N MET B 34 8.98 -18.46 -29.43
CA MET B 34 9.02 -17.01 -29.58
C MET B 34 8.34 -16.62 -30.89
N ASN B 35 7.35 -15.72 -30.80
CA ASN B 35 6.51 -15.32 -31.91
C ASN B 35 6.67 -13.83 -32.23
N TRP B 36 6.17 -13.45 -33.41
CA TRP B 36 6.15 -12.06 -33.84
C TRP B 36 4.80 -11.74 -34.47
N VAL B 37 4.09 -10.76 -33.91
CA VAL B 37 2.77 -10.36 -34.37
C VAL B 37 2.86 -8.93 -34.91
N LYS B 38 2.39 -8.73 -36.14
CA LYS B 38 2.37 -7.42 -36.76
C LYS B 38 1.00 -6.79 -36.57
N GLN B 39 0.97 -5.55 -36.08
CA GLN B 39 -0.28 -4.83 -35.90
C GLN B 39 -0.17 -3.50 -36.62
N SER B 40 -0.96 -3.33 -37.68
CA SER B 40 -1.00 -2.12 -38.47
C SER B 40 -1.82 -1.04 -37.76
N HIS B 41 -1.63 0.20 -38.19
CA HIS B 41 -2.33 1.33 -37.59
C HIS B 41 -3.82 1.21 -37.87
N GLY B 42 -4.60 0.93 -36.82
CA GLY B 42 -6.03 0.81 -36.96
C GLY B 42 -6.49 -0.54 -37.46
N LYS B 43 -5.58 -1.48 -37.66
CA LYS B 43 -5.89 -2.82 -38.14
C LYS B 43 -5.83 -3.84 -37.01
N SER B 44 -5.96 -5.11 -37.39
CA SER B 44 -6.00 -6.24 -36.48
C SER B 44 -4.61 -6.85 -36.33
N LEU B 45 -4.52 -7.86 -35.47
CA LEU B 45 -3.27 -8.56 -35.24
C LEU B 45 -3.01 -9.50 -36.42
N GLU B 46 -1.73 -9.76 -36.69
CA GLU B 46 -1.35 -10.54 -37.86
C GLU B 46 -0.13 -11.39 -37.53
N TRP B 47 -0.33 -12.70 -37.35
CA TRP B 47 0.75 -13.59 -36.95
C TRP B 47 1.78 -13.72 -38.06
N ILE B 48 3.02 -13.34 -37.75
CA ILE B 48 4.10 -13.39 -38.73
C ILE B 48 4.71 -14.78 -38.79
N GLY B 49 5.17 -15.28 -37.65
CA GLY B 49 5.81 -16.57 -37.59
C GLY B 49 6.46 -16.77 -36.24
N ASN B 50 6.84 -18.02 -35.98
CA ASN B 50 7.48 -18.37 -34.72
C ASN B 50 8.89 -18.89 -35.00
N ILE B 51 9.60 -19.19 -33.93
CA ILE B 51 10.97 -19.71 -34.01
C ILE B 51 11.22 -20.53 -32.76
N ASN B 52 11.82 -21.70 -32.95
CA ASN B 52 12.17 -22.56 -31.83
C ASN B 52 13.52 -22.12 -31.26
N PRO B 53 13.56 -21.65 -30.01
CA PRO B 53 14.82 -21.15 -29.43
C PRO B 53 15.92 -22.17 -29.25
N ASN B 54 15.59 -23.47 -29.19
CA ASN B 54 16.63 -24.47 -28.95
C ASN B 54 17.57 -24.59 -30.14
N ASN B 55 17.03 -24.47 -31.35
CA ASN B 55 17.80 -24.65 -32.57
C ASN B 55 17.49 -23.59 -33.61
N GLY B 56 16.59 -22.66 -33.32
CA GLY B 56 16.20 -21.68 -34.29
C GLY B 56 15.21 -22.25 -35.28
N GLY B 57 14.32 -23.11 -34.82
CA GLY B 57 13.37 -23.79 -35.69
C GLY B 57 12.28 -22.86 -36.16
N THR B 58 12.50 -22.15 -37.26
CA THR B 58 11.53 -21.15 -37.69
C THR B 58 10.31 -21.78 -38.35
N SER B 59 9.18 -21.08 -38.24
CA SER B 59 7.95 -21.47 -38.91
C SER B 59 7.20 -20.18 -39.24
N TYR B 60 7.34 -19.73 -40.49
CA TYR B 60 6.76 -18.46 -40.92
C TYR B 60 5.35 -18.65 -41.46
N ASN B 61 4.66 -17.53 -41.66
CA ASN B 61 3.35 -17.52 -42.29
C ASN B 61 3.51 -17.34 -43.79
N GLN B 62 2.56 -17.90 -44.54
CA GLN B 62 2.62 -17.80 -46.00
C GLN B 62 2.55 -16.34 -46.45
N LYS B 63 1.88 -15.49 -45.67
CA LYS B 63 1.79 -14.09 -46.03
C LYS B 63 3.08 -13.34 -45.75
N PHE B 64 3.95 -13.88 -44.89
CA PHE B 64 5.20 -13.22 -44.55
C PHE B 64 6.42 -14.01 -45.00
N LYS B 65 6.23 -15.07 -45.79
CA LYS B 65 7.37 -15.83 -46.29
C LYS B 65 8.18 -14.96 -47.23
N GLY B 66 9.43 -14.71 -46.86
CA GLY B 66 10.32 -13.85 -47.61
C GLY B 66 10.20 -12.40 -47.22
N LYS B 67 9.32 -12.07 -46.28
CA LYS B 67 9.11 -10.71 -45.81
C LYS B 67 9.82 -10.46 -44.49
N ALA B 68 9.73 -11.40 -43.55
CA ALA B 68 10.33 -11.32 -42.23
C ALA B 68 11.31 -12.49 -42.04
N THR B 69 12.38 -12.23 -41.32
CA THR B 69 13.36 -13.27 -40.99
C THR B 69 13.57 -13.28 -39.49
N LEU B 70 13.27 -14.42 -38.86
CA LEU B 70 13.35 -14.56 -37.41
C LEU B 70 14.66 -15.25 -37.05
N THR B 71 15.36 -14.68 -36.07
CA THR B 71 16.57 -15.27 -35.53
C THR B 71 16.49 -15.30 -34.01
N VAL B 72 17.44 -15.99 -33.39
CA VAL B 72 17.46 -16.16 -31.94
C VAL B 72 18.90 -16.33 -31.48
N ASP B 73 19.18 -15.84 -30.27
CA ASP B 73 20.49 -15.98 -29.66
C ASP B 73 20.31 -16.52 -28.25
N LYS B 74 20.86 -17.72 -28.02
CA LYS B 74 20.75 -18.39 -26.72
C LYS B 74 21.75 -17.88 -25.70
N SER B 75 22.86 -17.28 -26.15
CA SER B 75 23.88 -16.80 -25.24
C SER B 75 23.37 -15.68 -24.35
N SER B 76 22.42 -14.89 -24.86
CA SER B 76 21.85 -13.76 -24.13
C SER B 76 20.32 -13.82 -24.04
N THR B 77 19.71 -14.92 -24.49
CA THR B 77 18.26 -15.10 -24.49
C THR B 77 17.54 -13.93 -25.16
N THR B 78 17.87 -13.70 -26.43
CA THR B 78 17.30 -12.56 -27.14
C THR B 78 16.89 -12.97 -28.54
N ALA B 79 15.65 -12.63 -28.92
CA ALA B 79 15.11 -12.93 -30.25
C ALA B 79 15.15 -11.70 -31.15
N TYR B 80 15.18 -11.94 -32.46
CA TYR B 80 15.22 -10.86 -33.43
C TYR B 80 14.30 -11.13 -34.61
N MET B 81 13.76 -10.06 -35.17
CA MET B 81 12.96 -10.13 -36.39
C MET B 81 13.45 -9.02 -37.31
N GLU B 82 13.85 -9.39 -38.52
CA GLU B 82 14.34 -8.43 -39.50
C GLU B 82 13.34 -8.33 -40.66
N LEU B 83 13.09 -7.10 -41.11
CA LEU B 83 12.19 -6.83 -42.22
C LEU B 83 12.97 -6.14 -43.32
N ARG B 84 12.93 -6.72 -44.52
CA ARG B 84 13.56 -6.17 -45.72
C ARG B 84 12.51 -5.75 -46.73
N SER B 85 12.96 -4.97 -47.72
CA SER B 85 12.10 -4.43 -48.78
C SER B 85 10.90 -3.68 -48.18
N LEU B 86 11.21 -2.65 -47.41
CA LEU B 86 10.20 -1.91 -46.67
C LEU B 86 9.39 -0.99 -47.58
N THR B 87 8.07 -1.02 -47.40
CA THR B 87 7.10 -0.21 -48.11
C THR B 87 6.22 0.50 -47.09
N SER B 88 5.17 1.17 -47.57
CA SER B 88 4.28 1.89 -46.66
C SER B 88 3.48 0.92 -45.79
N GLU B 89 3.25 -0.30 -46.28
CA GLU B 89 2.48 -1.28 -45.51
C GLU B 89 3.22 -1.78 -44.28
N ASP B 90 4.54 -1.74 -44.29
CA ASP B 90 5.34 -2.21 -43.17
C ASP B 90 5.38 -1.25 -42.00
N SER B 91 4.96 0.00 -42.21
CA SER B 91 4.92 0.98 -41.13
C SER B 91 3.83 0.61 -40.14
N ALA B 92 4.19 -0.18 -39.12
CA ALA B 92 3.23 -0.64 -38.13
C ALA B 92 3.96 -0.94 -36.83
N VAL B 93 3.19 -1.37 -35.83
CA VAL B 93 3.73 -1.71 -34.52
C VAL B 93 3.91 -3.21 -34.45
N TYR B 94 5.14 -3.65 -34.18
CA TYR B 94 5.48 -5.07 -34.15
C TYR B 94 5.71 -5.53 -32.72
N TYR B 95 5.16 -6.71 -32.41
CA TYR B 95 5.30 -7.34 -31.11
C TYR B 95 6.03 -8.67 -31.25
N CYS B 96 6.71 -9.06 -30.19
CA CYS B 96 7.28 -10.39 -30.04
C CYS B 96 6.62 -11.01 -28.81
N THR B 97 5.99 -12.16 -28.99
CA THR B 97 5.19 -12.71 -27.90
C THR B 97 5.53 -14.16 -27.62
N ARG B 98 5.58 -14.48 -26.32
CA ARG B 98 5.87 -15.84 -25.87
C ARG B 98 4.64 -16.72 -26.11
N SER B 99 4.89 -18.01 -26.40
CA SER B 99 3.76 -18.91 -26.58
C SER B 99 4.18 -20.34 -26.35
N PRO B 100 3.38 -21.15 -25.65
CA PRO B 100 3.71 -22.58 -25.54
C PRO B 100 3.43 -23.30 -26.83
N VAL B 101 3.68 -24.62 -26.87
CA VAL B 101 3.40 -25.38 -28.08
C VAL B 101 1.92 -25.73 -28.17
N ARG B 102 1.32 -26.09 -27.04
CA ARG B 102 -0.09 -26.47 -27.00
C ARG B 102 -0.62 -26.33 -25.57
N PRO B 103 -1.74 -25.62 -25.37
CA PRO B 103 -2.44 -24.90 -26.44
C PRO B 103 -1.73 -23.61 -26.82
N TYR B 104 -1.72 -23.31 -28.11
CA TYR B 104 -0.91 -22.23 -28.69
C TYR B 104 -1.53 -20.86 -28.43
N TYR B 105 -1.40 -20.40 -27.19
CA TYR B 105 -1.84 -19.05 -26.83
C TYR B 105 -0.62 -18.16 -26.61
N PHE B 106 -0.83 -16.85 -26.68
CA PHE B 106 0.23 -15.86 -26.45
C PHE B 106 0.12 -15.30 -25.04
N ASP B 107 0.80 -15.96 -24.09
CA ASP B 107 0.64 -15.58 -22.68
C ASP B 107 1.28 -14.24 -22.35
N TYR B 108 2.50 -13.95 -22.84
CA TYR B 108 3.16 -12.69 -22.51
C TYR B 108 3.64 -12.00 -23.77
N TRP B 109 3.39 -10.69 -23.88
CA TRP B 109 3.76 -9.87 -25.03
C TRP B 109 4.80 -8.81 -24.68
N GLY B 110 5.44 -8.28 -25.73
CA GLY B 110 6.32 -7.13 -25.60
C GLY B 110 5.55 -5.82 -25.70
N GLN B 111 6.24 -4.72 -25.40
CA GLN B 111 5.55 -3.42 -25.42
C GLN B 111 5.27 -2.94 -26.83
N GLY B 112 5.93 -3.51 -27.84
CA GLY B 112 5.69 -3.13 -29.21
C GLY B 112 6.81 -2.24 -29.75
N THR B 113 6.86 -2.15 -31.08
CA THR B 113 7.88 -1.35 -31.75
C THR B 113 7.23 -0.58 -32.89
N THR B 114 7.19 0.75 -32.76
CA THR B 114 6.56 1.59 -33.77
C THR B 114 7.54 1.74 -34.93
N LEU B 115 7.20 1.16 -36.07
CA LEU B 115 8.03 1.24 -37.27
C LEU B 115 7.41 2.23 -38.24
N THR B 116 8.21 3.16 -38.71
CA THR B 116 7.81 4.16 -39.70
C THR B 116 8.73 4.04 -40.90
N VAL B 117 8.18 3.66 -42.04
CA VAL B 117 8.94 3.51 -43.27
C VAL B 117 8.61 4.73 -44.13
N SER B 118 9.49 5.71 -44.13
CA SER B 118 9.29 6.92 -44.93
C SER B 118 10.64 7.59 -45.17
N SER B 119 10.73 8.34 -46.25
CA SER B 119 11.95 9.05 -46.60
C SER B 119 11.97 10.47 -46.04
N ALA B 120 10.95 10.85 -45.28
CA ALA B 120 10.88 12.20 -44.72
C ALA B 120 11.95 12.41 -43.67
N LYS B 121 12.53 13.62 -43.65
CA LYS B 121 13.58 13.91 -42.71
C LYS B 121 13.04 13.99 -41.29
N THR B 122 13.82 13.47 -40.34
CA THR B 122 13.47 13.49 -38.93
C THR B 122 13.49 14.95 -38.46
N THR B 123 12.30 15.52 -38.25
CA THR B 123 12.15 16.91 -37.89
C THR B 123 12.00 17.06 -36.38
N PRO B 124 12.82 17.89 -35.75
CA PRO B 124 12.70 18.13 -34.31
C PRO B 124 11.45 18.91 -33.96
N PRO B 125 10.78 18.53 -32.89
CA PRO B 125 9.52 19.20 -32.50
C PRO B 125 9.76 20.59 -31.95
N SER B 126 8.85 21.49 -32.28
CA SER B 126 8.85 22.85 -31.76
C SER B 126 7.90 22.89 -30.56
N VAL B 127 8.47 23.17 -29.39
CA VAL B 127 7.72 23.16 -28.13
C VAL B 127 7.34 24.59 -27.81
N TYR B 128 6.04 24.89 -27.86
CA TYR B 128 5.54 26.20 -27.53
C TYR B 128 4.57 26.08 -26.36
N PRO B 129 4.78 26.84 -25.28
CA PRO B 129 3.89 26.72 -24.12
C PRO B 129 2.49 27.25 -24.39
N LEU B 130 1.50 26.61 -23.77
CA LEU B 130 0.10 26.99 -23.84
C LEU B 130 -0.36 27.32 -22.43
N ALA B 131 -0.10 28.56 -22.00
CA ALA B 131 -0.40 29.14 -20.70
C ALA B 131 -1.71 29.91 -20.70
N PRO B 132 -2.51 29.77 -19.65
CA PRO B 132 -3.74 30.55 -19.53
C PRO B 132 -3.45 32.04 -19.50
N GLY B 133 -4.37 32.82 -20.05
CA GLY B 133 -4.19 34.26 -20.07
C GLY B 133 -4.19 34.86 -18.68
N CYS B 134 -3.64 36.07 -18.58
CA CYS B 134 -3.58 36.77 -17.30
C CYS B 134 -4.88 37.48 -16.94
N GLY B 135 -5.90 37.44 -17.79
CA GLY B 135 -7.16 38.10 -17.48
C GLY B 135 -8.27 37.13 -17.11
N ASP B 136 -7.96 35.84 -17.12
CA ASP B 136 -8.93 34.81 -16.80
C ASP B 136 -9.20 34.79 -15.29
N THR B 137 -10.33 34.18 -14.92
CA THR B 137 -10.75 34.10 -13.52
C THR B 137 -10.23 32.79 -12.92
N THR B 138 -9.28 32.92 -12.00
CA THR B 138 -8.68 31.77 -11.33
C THR B 138 -9.68 31.20 -10.33
N GLY B 139 -10.31 30.09 -10.71
CA GLY B 139 -11.29 29.43 -9.87
C GLY B 139 -10.65 28.36 -9.01
N SER B 140 -11.35 27.25 -8.80
CA SER B 140 -10.79 26.16 -8.00
C SER B 140 -9.73 25.38 -8.77
N SER B 141 -9.71 25.49 -10.10
CA SER B 141 -8.72 24.77 -10.90
C SER B 141 -8.45 25.55 -12.18
N VAL B 142 -7.16 25.63 -12.53
CA VAL B 142 -6.70 26.25 -13.77
C VAL B 142 -6.26 25.17 -14.73
N THR B 143 -6.54 25.36 -16.02
CA THR B 143 -6.15 24.40 -17.05
C THR B 143 -4.98 24.97 -17.84
N LEU B 144 -3.83 24.29 -17.75
CA LEU B 144 -2.57 24.60 -18.42
C LEU B 144 -2.39 23.68 -19.62
N GLY B 145 -1.28 23.85 -20.34
CA GLY B 145 -1.02 22.99 -21.47
C GLY B 145 0.20 23.36 -22.27
N CYS B 146 0.70 22.42 -23.08
CA CYS B 146 1.86 22.66 -23.93
C CYS B 146 1.57 22.15 -25.33
N LEU B 147 2.23 22.77 -26.31
CA LEU B 147 1.99 22.55 -27.72
C LEU B 147 3.25 22.03 -28.40
N VAL B 148 3.07 21.01 -29.25
CA VAL B 148 4.16 20.42 -30.01
C VAL B 148 3.81 20.55 -31.48
N LYS B 149 4.67 21.24 -32.24
CA LYS B 149 4.40 21.53 -33.64
C LYS B 149 5.58 21.09 -34.50
N GLY B 150 5.28 20.35 -35.57
CA GLY B 150 6.28 19.99 -36.56
C GLY B 150 7.29 18.96 -36.12
N TYR B 151 7.00 17.67 -36.30
CA TYR B 151 7.96 16.64 -35.95
C TYR B 151 7.63 15.36 -36.72
N PHE B 152 8.63 14.49 -36.84
CA PHE B 152 8.46 13.25 -37.56
C PHE B 152 9.43 12.18 -37.10
N PRO B 153 9.00 10.93 -36.92
CA PRO B 153 7.63 10.42 -37.06
C PRO B 153 6.86 10.47 -35.73
N GLU B 154 5.85 9.59 -35.59
CA GLU B 154 5.08 9.53 -34.36
C GLU B 154 5.89 8.92 -33.22
N SER B 155 6.82 9.70 -32.68
CA SER B 155 7.64 9.28 -31.56
C SER B 155 7.86 10.53 -30.71
N VAL B 156 6.96 10.77 -29.77
CA VAL B 156 7.01 11.97 -28.93
C VAL B 156 6.41 11.63 -27.59
N THR B 157 6.91 12.28 -26.54
CA THR B 157 6.44 12.05 -25.17
C THR B 157 6.36 13.38 -24.45
N VAL B 158 5.17 13.78 -24.03
CA VAL B 158 4.97 15.05 -23.31
C VAL B 158 4.65 14.70 -21.86
N THR B 159 5.59 14.97 -20.96
CA THR B 159 5.42 14.71 -19.54
C THR B 159 5.20 16.00 -18.77
N TRP B 160 4.72 15.87 -17.53
CA TRP B 160 4.45 17.01 -16.67
C TRP B 160 5.09 16.85 -15.29
N ASN B 161 6.15 17.61 -15.03
CA ASN B 161 6.86 17.66 -13.73
C ASN B 161 7.31 16.28 -13.26
N SER B 162 7.99 15.54 -14.14
CA SER B 162 8.52 14.21 -13.81
C SER B 162 7.42 13.29 -13.28
N GLY B 163 6.22 13.41 -13.85
CA GLY B 163 5.11 12.55 -13.47
C GLY B 163 4.52 12.80 -12.11
N SER B 164 4.50 14.05 -11.64
CA SER B 164 3.91 14.36 -10.33
C SER B 164 3.58 15.85 -10.32
N LEU B 165 2.28 16.18 -10.34
CA LEU B 165 1.23 15.15 -10.38
C LEU B 165 0.60 15.18 -11.76
N SER B 166 -0.08 14.09 -12.12
CA SER B 166 -0.70 13.97 -13.43
C SER B 166 -2.07 13.28 -13.30
N SER B 167 -2.93 13.84 -12.46
CA SER B 167 -4.25 13.28 -12.23
C SER B 167 -5.30 13.98 -13.07
N SER B 168 -4.88 14.88 -13.98
CA SER B 168 -5.82 15.60 -14.82
C SER B 168 -5.23 15.98 -16.18
N VAL B 169 -4.19 15.29 -16.64
CA VAL B 169 -3.54 15.60 -17.91
C VAL B 169 -4.30 14.98 -19.07
N HIS B 170 -4.67 15.79 -20.06
CA HIS B 170 -5.31 15.33 -21.28
C HIS B 170 -4.32 15.47 -22.44
N THR B 171 -4.01 14.35 -23.09
CA THR B 171 -3.09 14.37 -24.22
C THR B 171 -3.88 14.14 -25.50
N PHE B 172 -3.73 15.04 -26.46
CA PHE B 172 -4.49 14.95 -27.70
C PHE B 172 -3.68 14.28 -28.79
N PRO B 173 -4.31 13.37 -29.53
CA PRO B 173 -3.60 12.64 -30.59
C PRO B 173 -2.99 13.59 -31.61
N ALA B 174 -1.81 13.22 -32.09
CA ALA B 174 -1.11 14.03 -33.06
C ALA B 174 -1.84 13.96 -34.40
N LEU B 175 -1.80 15.08 -35.13
CA LEU B 175 -2.42 15.14 -36.44
C LEU B 175 -1.33 15.41 -37.47
N LEU B 176 -1.31 14.61 -38.54
CA LEU B 176 -0.30 14.69 -39.57
C LEU B 176 -0.76 15.60 -40.70
N GLN B 177 0.11 16.52 -41.11
CA GLN B 177 -0.20 17.44 -42.19
C GLN B 177 1.08 17.96 -42.81
N SER B 178 1.13 17.96 -44.15
CA SER B 178 2.30 18.42 -44.91
C SER B 178 3.58 17.72 -44.45
N GLY B 179 3.46 16.46 -44.05
CA GLY B 179 4.57 15.64 -43.62
C GLY B 179 5.04 15.86 -42.19
N LEU B 180 4.38 16.72 -41.42
CA LEU B 180 4.77 16.98 -40.04
C LEU B 180 3.59 16.78 -39.12
N TYR B 181 3.85 16.25 -37.93
CA TYR B 181 2.82 16.01 -36.94
C TYR B 181 2.67 17.23 -36.05
N THR B 182 1.50 17.33 -35.41
CA THR B 182 1.24 18.43 -34.49
C THR B 182 0.25 17.96 -33.44
N MET B 183 0.63 18.08 -32.17
CA MET B 183 -0.21 17.61 -31.07
C MET B 183 -0.17 18.64 -29.94
N SER B 184 -0.99 18.38 -28.93
CA SER B 184 -1.08 19.28 -27.78
C SER B 184 -1.48 18.48 -26.55
N SER B 185 -1.16 19.05 -25.39
CA SER B 185 -1.45 18.44 -24.10
C SER B 185 -1.92 19.53 -23.14
N SER B 186 -2.73 19.14 -22.16
CA SER B 186 -3.28 20.06 -21.18
C SER B 186 -3.28 19.38 -19.81
N VAL B 187 -3.41 20.18 -18.76
CA VAL B 187 -3.45 19.64 -17.40
C VAL B 187 -4.24 20.57 -16.50
N THR B 188 -5.22 20.02 -15.78
CA THR B 188 -6.08 20.79 -14.88
C THR B 188 -5.55 20.67 -13.45
N VAL B 189 -4.87 21.70 -12.97
CA VAL B 189 -4.33 21.65 -11.60
C VAL B 189 -5.01 22.70 -10.73
N PRO B 190 -5.21 22.43 -9.43
CA PRO B 190 -5.86 23.39 -8.56
C PRO B 190 -5.07 24.69 -8.46
N SER B 191 -5.73 25.70 -7.89
CA SER B 191 -5.16 27.03 -7.75
C SER B 191 -4.30 27.19 -6.50
N SER B 192 -4.04 26.12 -5.75
CA SER B 192 -3.23 26.18 -4.55
C SER B 192 -1.81 25.68 -4.76
N THR B 193 -1.38 25.51 -6.01
CA THR B 193 -0.04 25.03 -6.32
C THR B 193 0.53 25.80 -7.51
N TRP B 194 -0.17 26.82 -8.00
CA TRP B 194 0.22 27.64 -9.13
C TRP B 194 -0.22 29.09 -8.92
N PRO B 195 0.65 30.06 -9.22
CA PRO B 195 2.01 29.78 -9.71
C PRO B 195 3.05 29.71 -8.60
N SER B 196 2.65 29.20 -7.43
CA SER B 196 3.55 29.13 -6.29
C SER B 196 4.75 28.24 -6.60
N GLN B 197 4.48 26.97 -6.87
CA GLN B 197 5.56 26.01 -7.15
C GLN B 197 5.97 26.11 -8.62
N THR B 198 6.80 25.16 -9.05
CA THR B 198 7.34 25.10 -10.39
C THR B 198 6.64 24.01 -11.20
N VAL B 199 5.91 24.42 -12.25
CA VAL B 199 5.22 23.48 -13.14
C VAL B 199 5.84 23.64 -14.52
N THR B 200 6.55 22.60 -14.96
CA THR B 200 7.28 22.61 -16.23
C THR B 200 6.92 21.40 -17.07
N CYS B 201 6.56 21.61 -18.34
CA CYS B 201 6.26 20.52 -19.25
C CYS B 201 7.52 20.12 -20.01
N SER B 202 7.74 18.81 -20.13
CA SER B 202 8.89 18.26 -20.84
C SER B 202 8.42 17.59 -22.12
N VAL B 203 9.03 17.95 -23.24
CA VAL B 203 8.69 17.35 -24.53
C VAL B 203 9.92 16.63 -25.08
N ALA B 204 9.81 15.30 -25.19
CA ALA B 204 10.88 14.44 -25.67
C ALA B 204 10.52 13.87 -27.04
N HIS B 205 11.53 13.78 -27.91
CA HIS B 205 11.36 13.22 -29.26
C HIS B 205 12.41 12.15 -29.49
N PRO B 206 12.07 10.88 -29.23
CA PRO B 206 13.06 9.80 -29.38
C PRO B 206 13.54 9.59 -30.80
N ALA B 207 12.71 9.91 -31.80
CA ALA B 207 13.11 9.73 -33.19
C ALA B 207 14.24 10.68 -33.57
N SER B 208 14.15 11.93 -33.10
CA SER B 208 15.18 12.93 -33.34
C SER B 208 16.08 13.09 -32.13
N SER B 209 15.78 12.38 -31.05
CA SER B 209 16.54 12.43 -29.80
C SER B 209 16.66 13.87 -29.28
N THR B 210 15.56 14.61 -29.29
CA THR B 210 15.59 16.00 -28.85
C THR B 210 14.61 16.20 -27.72
N THR B 211 15.11 16.64 -26.56
CA THR B 211 14.28 16.87 -25.39
C THR B 211 14.32 18.34 -25.03
N VAL B 212 13.23 19.04 -25.29
CA VAL B 212 13.09 20.46 -24.98
C VAL B 212 12.12 20.58 -23.81
N ASP B 213 12.53 21.27 -22.76
CA ASP B 213 11.69 21.47 -21.58
C ASP B 213 11.31 22.94 -21.50
N LYS B 214 10.01 23.20 -21.32
CA LYS B 214 9.51 24.56 -21.23
C LYS B 214 8.66 24.70 -19.97
N LYS B 215 8.90 25.75 -19.20
CA LYS B 215 8.13 25.99 -17.99
C LYS B 215 7.01 26.97 -18.29
N LEU B 216 5.84 26.72 -17.70
CA LEU B 216 4.68 27.56 -17.94
C LEU B 216 4.78 28.84 -17.12
N GLU B 217 4.50 29.98 -17.76
CA GLU B 217 4.54 31.27 -17.08
C GLU B 217 3.32 32.11 -17.44
N PRO B 218 2.52 32.54 -16.46
CA PRO B 218 1.33 33.35 -16.73
C PRO B 218 1.69 34.76 -17.22
N ASP C 1 -6.55 -21.51 -44.80
CA ASP C 1 -6.49 -20.74 -43.56
C ASP C 1 -7.87 -20.58 -42.91
N ILE C 2 -7.89 -19.88 -41.78
CA ILE C 2 -9.10 -19.72 -40.97
C ILE C 2 -9.46 -18.23 -40.94
N VAL C 3 -10.74 -17.93 -41.09
CA VAL C 3 -11.25 -16.56 -41.08
C VAL C 3 -12.10 -16.37 -39.83
N MET C 4 -11.57 -15.63 -38.86
CA MET C 4 -12.28 -15.27 -37.63
C MET C 4 -13.06 -13.96 -37.84
N THR C 5 -14.39 -14.05 -37.92
CA THR C 5 -15.23 -12.92 -38.28
C THR C 5 -15.97 -12.36 -37.06
N GLN C 6 -15.69 -11.09 -36.73
CA GLN C 6 -16.41 -10.34 -35.69
C GLN C 6 -17.35 -9.34 -36.39
N SER C 7 -18.64 -9.67 -36.42
CA SER C 7 -19.62 -8.84 -37.14
C SER C 7 -19.72 -7.43 -36.56
N HIS C 8 -19.79 -7.31 -35.24
CA HIS C 8 -19.93 -6.02 -34.56
C HIS C 8 -18.56 -5.38 -34.34
N LYS C 9 -18.26 -4.35 -35.15
CA LYS C 9 -16.99 -3.64 -34.99
C LYS C 9 -17.02 -2.77 -33.74
N PHE C 10 -18.20 -2.30 -33.35
CA PHE C 10 -18.37 -1.47 -32.16
C PHE C 10 -19.58 -1.96 -31.38
N MET C 11 -19.48 -1.94 -30.06
CA MET C 11 -20.59 -2.29 -29.19
C MET C 11 -20.63 -1.31 -28.03
N SER C 12 -21.84 -0.87 -27.70
CA SER C 12 -22.04 0.09 -26.62
C SER C 12 -22.59 -0.64 -25.40
N THR C 13 -22.08 -0.27 -24.24
CA THR C 13 -22.53 -0.85 -22.98
C THR C 13 -22.27 0.19 -21.89
N SER C 14 -22.82 -0.06 -20.71
CA SER C 14 -22.67 0.84 -19.59
C SER C 14 -21.90 0.15 -18.47
N VAL C 15 -21.42 0.95 -17.52
CA VAL C 15 -20.67 0.43 -16.38
C VAL C 15 -21.63 -0.35 -15.50
N GLY C 16 -21.45 -1.68 -15.44
CA GLY C 16 -22.31 -2.53 -14.64
C GLY C 16 -23.22 -3.42 -15.46
N ASP C 17 -23.31 -3.20 -16.77
CA ASP C 17 -24.14 -4.00 -17.66
C ASP C 17 -23.45 -5.31 -18.02
N ARG C 18 -24.24 -6.22 -18.60
CA ARG C 18 -23.75 -7.51 -19.03
C ARG C 18 -23.44 -7.36 -20.51
N VAL C 19 -22.18 -7.53 -20.89
CA VAL C 19 -21.78 -7.36 -22.28
C VAL C 19 -21.19 -8.66 -22.80
N SER C 20 -21.52 -9.00 -24.04
CA SER C 20 -21.04 -10.24 -24.62
C SER C 20 -20.59 -9.99 -26.05
N ILE C 21 -19.39 -10.45 -26.40
CA ILE C 21 -18.85 -10.29 -27.75
C ILE C 21 -18.84 -11.66 -28.41
N THR C 22 -19.30 -11.72 -29.66
CA THR C 22 -19.37 -12.96 -30.43
C THR C 22 -18.20 -13.07 -31.40
N CYS C 23 -17.79 -14.30 -31.68
CA CYS C 23 -16.70 -14.60 -32.60
C CYS C 23 -17.11 -15.77 -33.49
N LYS C 24 -17.08 -15.56 -34.80
CA LYS C 24 -17.45 -16.57 -35.79
C LYS C 24 -16.22 -17.05 -36.54
N ALA C 25 -16.04 -18.36 -36.62
CA ALA C 25 -14.90 -18.96 -37.29
C ALA C 25 -15.31 -19.55 -38.63
N SER C 26 -14.30 -19.92 -39.42
CA SER C 26 -14.56 -20.50 -40.74
C SER C 26 -15.06 -21.93 -40.61
N GLN C 27 -14.24 -22.81 -40.06
CA GLN C 27 -14.57 -24.22 -39.86
C GLN C 27 -14.76 -24.51 -38.37
N ASP C 28 -15.02 -25.79 -38.08
CA ASP C 28 -15.20 -26.24 -36.70
C ASP C 28 -13.89 -26.17 -35.94
N VAL C 29 -13.97 -25.68 -34.70
CA VAL C 29 -12.78 -25.37 -33.89
C VAL C 29 -12.71 -26.21 -32.62
N SER C 30 -13.79 -26.92 -32.26
CA SER C 30 -13.93 -27.62 -30.99
C SER C 30 -13.86 -26.59 -29.85
N THR C 31 -12.76 -26.58 -29.11
CA THR C 31 -12.56 -25.65 -28.01
C THR C 31 -11.18 -25.01 -28.09
N ALA C 32 -10.83 -24.48 -29.27
CA ALA C 32 -9.51 -23.89 -29.47
C ALA C 32 -9.66 -22.40 -29.81
N VAL C 33 -10.14 -21.63 -28.85
CA VAL C 33 -10.35 -20.20 -29.02
C VAL C 33 -9.76 -19.45 -27.82
N ALA C 34 -8.98 -18.41 -28.10
CA ALA C 34 -8.35 -17.57 -27.08
C ALA C 34 -8.87 -16.15 -27.21
N TRP C 35 -9.10 -15.49 -26.07
CA TRP C 35 -9.58 -14.12 -26.01
C TRP C 35 -8.52 -13.22 -25.40
N TYR C 36 -8.13 -12.18 -26.17
CA TYR C 36 -7.11 -11.22 -25.79
C TYR C 36 -7.70 -9.83 -25.59
N GLN C 37 -7.11 -9.09 -24.65
CA GLN C 37 -7.47 -7.71 -24.34
C GLN C 37 -6.32 -6.77 -24.65
N GLN C 38 -6.58 -5.74 -25.46
CA GLN C 38 -5.58 -4.75 -25.83
C GLN C 38 -6.12 -3.39 -25.39
N LYS C 39 -5.57 -2.86 -24.30
CA LYS C 39 -5.97 -1.54 -23.85
C LYS C 39 -5.35 -0.48 -24.76
N PRO C 40 -6.06 0.63 -25.01
CA PRO C 40 -5.52 1.69 -25.89
C PRO C 40 -4.15 2.20 -25.45
N GLY C 41 -3.11 1.88 -26.22
CA GLY C 41 -1.77 2.33 -25.91
C GLY C 41 -0.91 1.29 -25.24
N GLN C 42 -1.44 0.08 -25.04
CA GLN C 42 -0.74 -1.02 -24.40
C GLN C 42 -0.69 -2.22 -25.32
N SER C 43 0.09 -3.22 -24.92
CA SER C 43 0.20 -4.47 -25.62
C SER C 43 -0.98 -5.38 -25.29
N PRO C 44 -1.34 -6.29 -26.20
CA PRO C 44 -2.42 -7.24 -25.92
C PRO C 44 -2.18 -8.05 -24.65
N LYS C 45 -3.27 -8.39 -23.96
CA LYS C 45 -3.23 -9.17 -22.74
C LYS C 45 -4.16 -10.36 -22.84
N LEU C 46 -3.62 -11.56 -22.61
CA LEU C 46 -4.39 -12.79 -22.68
C LEU C 46 -5.40 -12.88 -21.54
N LEU C 47 -6.67 -13.14 -21.89
CA LEU C 47 -7.71 -13.30 -20.89
C LEU C 47 -8.28 -14.71 -20.84
N ILE C 48 -8.73 -15.26 -21.98
CA ILE C 48 -9.36 -16.57 -22.02
C ILE C 48 -8.57 -17.50 -22.95
N TYR C 49 -8.52 -18.79 -22.58
CA TYR C 49 -7.92 -19.79 -23.46
C TYR C 49 -8.78 -21.05 -23.46
N SER C 50 -8.82 -21.71 -24.61
CA SER C 50 -9.63 -22.91 -24.82
C SER C 50 -11.11 -22.67 -24.49
N ALA C 51 -11.71 -21.77 -25.26
CA ALA C 51 -13.15 -21.46 -25.16
C ALA C 51 -13.54 -20.88 -23.82
N SER C 52 -13.45 -21.66 -22.74
CA SER C 52 -14.02 -21.26 -21.46
C SER C 52 -13.00 -21.00 -20.35
N TYR C 53 -11.83 -21.65 -20.39
CA TYR C 53 -10.87 -21.55 -19.31
C TYR C 53 -10.26 -20.15 -19.18
N ARG C 54 -10.17 -19.67 -17.95
CA ARG C 54 -9.54 -18.38 -17.64
C ARG C 54 -8.07 -18.56 -17.34
N TYR C 55 -7.29 -17.55 -17.67
CA TYR C 55 -5.87 -17.56 -17.39
C TYR C 55 -5.58 -17.00 -16.00
N THR C 56 -4.40 -17.33 -15.47
CA THR C 56 -4.01 -16.87 -14.14
C THR C 56 -3.82 -15.36 -14.10
N GLY C 57 -4.36 -14.73 -13.07
CA GLY C 57 -4.26 -13.29 -12.94
C GLY C 57 -5.34 -12.52 -13.68
N VAL C 58 -6.52 -13.12 -13.83
CA VAL C 58 -7.64 -12.50 -14.51
C VAL C 58 -8.81 -12.47 -13.54
N PRO C 59 -9.45 -11.32 -13.32
CA PRO C 59 -10.59 -11.26 -12.40
C PRO C 59 -11.68 -12.24 -12.79
N ASP C 60 -12.54 -12.55 -11.82
CA ASP C 60 -13.59 -13.54 -12.01
C ASP C 60 -14.73 -13.01 -12.88
N ARG C 61 -14.77 -11.70 -13.11
CA ARG C 61 -15.83 -11.06 -13.88
C ARG C 61 -15.73 -11.37 -15.37
N PHE C 62 -14.56 -11.84 -15.84
CA PHE C 62 -14.37 -12.21 -17.24
C PHE C 62 -14.64 -13.70 -17.43
N THR C 63 -15.62 -14.02 -18.27
CA THR C 63 -15.96 -15.41 -18.57
C THR C 63 -15.87 -15.68 -20.07
N GLY C 64 -15.99 -16.97 -20.40
CA GLY C 64 -15.95 -17.47 -21.77
C GLY C 64 -16.84 -18.69 -21.98
N SER C 65 -17.46 -18.77 -23.16
CA SER C 65 -18.36 -19.88 -23.48
C SER C 65 -18.34 -20.13 -24.98
N GLY C 66 -18.88 -21.28 -25.37
CA GLY C 66 -18.95 -21.67 -26.77
C GLY C 66 -18.28 -23.00 -27.04
N SER C 67 -18.77 -23.75 -28.04
CA SER C 67 -18.19 -25.05 -28.38
C SER C 67 -18.53 -25.38 -29.84
N GLY C 68 -17.59 -25.09 -30.74
CA GLY C 68 -17.76 -25.36 -32.15
C GLY C 68 -17.15 -24.31 -33.06
N THR C 69 -17.97 -23.38 -33.55
CA THR C 69 -17.51 -22.32 -34.44
C THR C 69 -17.82 -20.93 -33.90
N ASP C 70 -18.94 -20.77 -33.19
CA ASP C 70 -19.34 -19.50 -32.61
C ASP C 70 -19.01 -19.51 -31.12
N PHE C 71 -18.28 -18.48 -30.68
CA PHE C 71 -17.85 -18.39 -29.29
C PHE C 71 -18.20 -17.02 -28.73
N THR C 72 -18.34 -16.96 -27.40
CA THR C 72 -18.79 -15.74 -26.73
C THR C 72 -17.93 -15.43 -25.53
N PHE C 73 -17.45 -14.19 -25.46
CA PHE C 73 -16.70 -13.65 -24.32
C PHE C 73 -17.62 -12.72 -23.54
N THR C 74 -17.87 -13.05 -22.28
CA THR C 74 -18.87 -12.33 -21.49
C THR C 74 -18.25 -11.62 -20.29
N ILE C 75 -18.63 -10.36 -20.08
CA ILE C 75 -18.26 -9.62 -18.88
C ILE C 75 -19.55 -9.29 -18.13
N SER C 76 -19.58 -9.71 -16.86
CA SER C 76 -20.74 -9.53 -15.99
C SER C 76 -20.79 -8.11 -15.44
N SER C 77 -19.77 -7.73 -14.69
CA SER C 77 -19.70 -6.39 -14.09
C SER C 77 -18.58 -5.62 -14.78
N VAL C 78 -18.98 -4.72 -15.66
CA VAL C 78 -18.05 -3.88 -16.41
C VAL C 78 -17.51 -2.80 -15.51
N GLN C 79 -16.20 -2.68 -15.42
CA GLN C 79 -15.58 -1.63 -14.64
C GLN C 79 -15.07 -0.54 -15.59
N ALA C 80 -14.71 0.60 -15.00
CA ALA C 80 -14.21 1.71 -15.80
C ALA C 80 -12.89 1.37 -16.47
N GLU C 81 -12.10 0.48 -15.86
CA GLU C 81 -10.81 0.10 -16.39
C GLU C 81 -10.90 -1.06 -17.38
N ASP C 82 -12.11 -1.55 -17.65
CA ASP C 82 -12.32 -2.61 -18.64
C ASP C 82 -12.44 -2.07 -20.07
N LEU C 83 -12.28 -0.77 -20.26
CA LEU C 83 -12.35 -0.12 -21.57
C LEU C 83 -11.13 -0.49 -22.40
N ALA C 84 -11.33 -1.36 -23.41
CA ALA C 84 -10.23 -1.79 -24.26
C ALA C 84 -10.80 -2.41 -25.53
N VAL C 85 -9.91 -2.75 -26.46
CA VAL C 85 -10.26 -3.44 -27.69
C VAL C 85 -10.02 -4.93 -27.51
N TYR C 86 -11.03 -5.73 -27.79
CA TYR C 86 -10.99 -7.17 -27.56
C TYR C 86 -10.83 -7.95 -28.86
N TYR C 87 -9.94 -8.95 -28.85
CA TYR C 87 -9.65 -9.77 -30.03
C TYR C 87 -9.86 -11.25 -29.72
N CYS C 88 -10.39 -12.01 -30.69
CA CYS C 88 -10.47 -13.46 -30.59
C CYS C 88 -9.50 -14.11 -31.59
N GLN C 89 -8.95 -15.28 -31.21
CA GLN C 89 -7.93 -15.92 -32.04
C GLN C 89 -8.01 -17.44 -31.92
N GLN C 90 -7.99 -18.14 -33.05
CA GLN C 90 -8.00 -19.61 -33.06
C GLN C 90 -6.59 -20.15 -32.86
N HIS C 91 -6.49 -21.27 -32.14
CA HIS C 91 -5.16 -21.87 -31.89
C HIS C 91 -5.13 -23.37 -32.17
N TYR C 92 -5.66 -23.80 -33.32
CA TYR C 92 -5.57 -25.21 -33.69
C TYR C 92 -4.81 -25.39 -34.99
N SER C 93 -5.24 -24.75 -36.08
CA SER C 93 -4.66 -24.94 -37.38
C SER C 93 -3.65 -23.84 -37.67
N ILE C 94 -2.62 -24.19 -38.44
CA ILE C 94 -1.62 -23.22 -38.91
C ILE C 94 -2.11 -22.62 -40.22
N PRO C 95 -2.11 -21.28 -40.37
CA PRO C 95 -1.65 -20.33 -39.34
C PRO C 95 -2.71 -19.87 -38.34
N ARG C 96 -2.24 -19.30 -37.24
CA ARG C 96 -3.10 -18.73 -36.21
C ARG C 96 -3.58 -17.35 -36.67
N THR C 97 -4.89 -17.17 -36.80
CA THR C 97 -5.45 -15.91 -37.26
C THR C 97 -6.21 -15.21 -36.13
N PHE C 98 -6.47 -13.90 -36.33
CA PHE C 98 -7.17 -13.08 -35.35
C PHE C 98 -8.46 -12.49 -35.92
N GLY C 99 -9.26 -11.92 -35.01
CA GLY C 99 -10.48 -11.23 -35.38
C GLY C 99 -10.26 -9.76 -35.72
N GLY C 100 -11.32 -9.12 -36.22
CA GLY C 100 -11.24 -7.71 -36.58
C GLY C 100 -11.01 -6.78 -35.40
N GLY C 101 -11.57 -7.12 -34.24
CA GLY C 101 -11.46 -6.30 -33.04
C GLY C 101 -12.76 -5.56 -32.75
N THR C 102 -13.22 -5.60 -31.50
CA THR C 102 -14.44 -4.93 -31.09
C THR C 102 -14.14 -3.89 -30.02
N LYS C 103 -14.10 -2.62 -30.42
CA LYS C 103 -13.83 -1.55 -29.47
C LYS C 103 -15.08 -1.35 -28.62
N LEU C 104 -15.01 -1.72 -27.35
CA LEU C 104 -16.17 -1.65 -26.45
C LEU C 104 -16.26 -0.24 -25.88
N GLU C 105 -17.21 0.54 -26.38
CA GLU C 105 -17.45 1.88 -25.91
C GLU C 105 -18.49 1.89 -24.79
N ILE C 106 -18.28 2.76 -23.80
CA ILE C 106 -19.12 2.84 -22.62
C ILE C 106 -20.14 3.96 -22.78
N LYS C 107 -21.40 3.65 -22.53
CA LYS C 107 -22.51 4.59 -22.62
C LYS C 107 -22.82 5.15 -21.23
N ARG C 108 -22.96 6.46 -21.13
CA ARG C 108 -23.28 7.08 -19.85
C ARG C 108 -24.15 8.30 -20.09
N ALA C 109 -24.38 9.07 -19.02
CA ALA C 109 -25.16 10.28 -19.09
C ALA C 109 -24.37 11.38 -19.79
N ASP C 110 -25.08 12.42 -20.21
CA ASP C 110 -24.42 13.50 -20.92
C ASP C 110 -23.52 14.30 -19.97
N ALA C 111 -22.52 14.97 -20.55
CA ALA C 111 -21.58 15.77 -19.78
C ALA C 111 -21.27 17.05 -20.53
N ALA C 112 -21.16 18.15 -19.78
CA ALA C 112 -20.90 19.47 -20.36
C ALA C 112 -19.43 19.67 -20.73
N PRO C 113 -19.12 19.95 -21.99
CA PRO C 113 -17.72 20.15 -22.41
C PRO C 113 -17.10 21.43 -21.88
N THR C 114 -16.17 21.33 -20.94
CA THR C 114 -15.41 22.48 -20.47
C THR C 114 -14.55 23.03 -21.60
N VAL C 115 -14.90 24.23 -22.07
CA VAL C 115 -14.21 24.89 -23.18
C VAL C 115 -13.21 25.88 -22.60
N SER C 116 -11.98 25.85 -23.10
CA SER C 116 -10.92 26.73 -22.63
C SER C 116 -10.13 27.27 -23.81
N ILE C 117 -10.12 28.60 -23.97
CA ILE C 117 -9.43 29.24 -25.08
C ILE C 117 -8.07 29.73 -24.57
N PHE C 118 -7.06 29.70 -25.44
CA PHE C 118 -5.69 30.01 -25.09
C PHE C 118 -5.02 30.89 -26.14
N PRO C 119 -4.42 31.99 -25.71
CA PRO C 119 -3.70 32.89 -26.61
C PRO C 119 -2.33 32.34 -26.99
N PRO C 120 -1.87 32.68 -28.20
CA PRO C 120 -0.52 32.25 -28.62
C PRO C 120 0.55 32.78 -27.68
N SER C 121 1.45 31.89 -27.26
CA SER C 121 2.52 32.22 -26.35
C SER C 121 3.59 33.08 -27.04
N SER C 122 4.47 33.65 -26.21
CA SER C 122 5.54 34.49 -26.73
C SER C 122 6.62 33.69 -27.45
N GLU C 123 6.86 32.44 -27.06
CA GLU C 123 7.88 31.65 -27.77
C GLU C 123 7.48 31.39 -29.22
N GLN C 124 6.17 31.26 -29.47
CA GLN C 124 5.71 31.05 -30.82
C GLN C 124 5.71 32.36 -31.58
N LEU C 125 5.44 33.47 -30.90
CA LEU C 125 5.51 34.76 -31.59
C LEU C 125 6.96 35.04 -31.93
N THR C 126 7.89 34.51 -31.12
CA THR C 126 9.31 34.66 -31.38
C THR C 126 9.68 33.90 -32.64
N SER C 127 9.13 32.70 -32.81
CA SER C 127 9.43 31.91 -34.00
C SER C 127 8.78 32.51 -35.24
N GLY C 128 7.69 33.24 -35.08
CA GLY C 128 7.00 33.89 -36.19
C GLY C 128 5.69 33.22 -36.53
N GLY C 129 4.97 32.79 -35.49
CA GLY C 129 3.66 32.18 -35.65
C GLY C 129 2.83 32.44 -34.41
N ALA C 130 1.53 32.16 -34.53
CA ALA C 130 0.62 32.37 -33.41
C ALA C 130 -0.60 31.48 -33.58
N SER C 131 -0.84 30.58 -32.63
CA SER C 131 -1.96 29.66 -32.73
C SER C 131 -2.87 29.75 -31.51
N VAL C 132 -4.13 30.16 -31.73
CA VAL C 132 -5.13 30.19 -30.68
C VAL C 132 -5.69 28.77 -30.51
N VAL C 133 -5.76 28.30 -29.27
CA VAL C 133 -6.17 26.92 -29.01
C VAL C 133 -7.48 26.88 -28.24
N CYS C 134 -8.39 25.98 -28.63
CA CYS C 134 -9.66 25.82 -27.94
C CYS C 134 -9.83 24.37 -27.51
N PHE C 135 -9.71 24.11 -26.21
CA PHE C 135 -9.83 22.77 -25.66
C PHE C 135 -11.25 22.49 -25.21
N LEU C 136 -11.73 21.27 -25.46
CA LEU C 136 -13.05 20.84 -25.02
C LEU C 136 -12.84 19.56 -24.22
N ASN C 137 -12.96 19.67 -22.90
CA ASN C 137 -12.63 18.58 -21.98
C ASN C 137 -13.88 18.04 -21.29
N ASN C 138 -13.86 16.73 -21.06
CA ASN C 138 -14.89 16.06 -20.26
C ASN C 138 -16.32 16.29 -20.73
N PHE C 139 -16.72 15.58 -21.79
CA PHE C 139 -18.09 15.63 -22.28
C PHE C 139 -18.49 14.26 -22.81
N TYR C 140 -19.78 14.10 -23.07
CA TYR C 140 -20.33 12.84 -23.57
C TYR C 140 -21.69 13.12 -24.18
N PRO C 141 -22.00 12.54 -25.35
CA PRO C 141 -21.11 11.61 -26.07
C PRO C 141 -20.08 12.29 -26.96
N LYS C 142 -19.58 11.56 -27.95
CA LYS C 142 -18.52 12.08 -28.80
C LYS C 142 -19.02 13.20 -29.70
N ASP C 143 -20.26 13.11 -30.16
CA ASP C 143 -20.83 14.10 -31.07
C ASP C 143 -20.91 15.48 -30.45
N ILE C 144 -20.15 16.42 -30.98
CA ILE C 144 -20.12 17.79 -30.48
C ILE C 144 -19.62 18.72 -31.58
N ASN C 145 -20.26 19.87 -31.70
CA ASN C 145 -19.90 20.87 -32.70
C ASN C 145 -18.95 21.89 -32.10
N VAL C 146 -17.97 22.32 -32.91
CA VAL C 146 -17.01 23.32 -32.51
C VAL C 146 -17.02 24.43 -33.56
N LYS C 147 -17.32 25.65 -33.13
CA LYS C 147 -17.37 26.80 -34.02
C LYS C 147 -16.36 27.83 -33.56
N TRP C 148 -15.59 28.36 -34.51
CA TRP C 148 -14.57 29.36 -34.22
C TRP C 148 -15.04 30.76 -34.60
N LYS C 149 -14.49 31.73 -33.90
CA LYS C 149 -14.82 33.14 -34.11
C LYS C 149 -13.56 33.95 -33.84
N ILE C 150 -12.92 34.46 -34.90
CA ILE C 150 -11.72 35.27 -34.69
C ILE C 150 -12.12 36.61 -34.07
N ASP C 151 -13.00 37.33 -34.75
CA ASP C 151 -13.55 38.60 -34.28
C ASP C 151 -15.03 38.66 -34.62
N GLY C 152 -15.76 37.61 -34.25
CA GLY C 152 -17.18 37.50 -34.55
C GLY C 152 -17.53 36.75 -35.82
N SER C 153 -16.60 36.64 -36.77
CA SER C 153 -16.84 35.92 -38.01
C SER C 153 -16.51 34.44 -37.85
N GLU C 154 -17.39 33.58 -38.37
CA GLU C 154 -17.18 32.14 -38.26
C GLU C 154 -15.95 31.78 -39.07
N ARG C 155 -14.86 31.46 -38.38
CA ARG C 155 -13.62 31.04 -39.00
C ARG C 155 -13.67 29.55 -39.28
N GLN C 156 -13.29 29.15 -40.48
CA GLN C 156 -13.37 27.76 -40.87
C GLN C 156 -12.05 27.21 -41.41
N ASN C 157 -11.15 28.04 -41.91
CA ASN C 157 -9.86 27.61 -42.43
C ASN C 157 -8.84 27.59 -41.30
N GLY C 158 -8.02 26.54 -41.28
CA GLY C 158 -7.01 26.41 -40.25
C GLY C 158 -7.50 25.85 -38.94
N VAL C 159 -8.65 25.17 -38.94
CA VAL C 159 -9.24 24.58 -37.75
C VAL C 159 -9.00 23.08 -37.82
N LEU C 160 -8.38 22.51 -36.78
CA LEU C 160 -8.15 21.07 -36.73
C LEU C 160 -8.78 20.49 -35.47
N ASN C 161 -9.70 19.54 -35.64
CA ASN C 161 -10.35 18.88 -34.53
C ASN C 161 -9.68 17.54 -34.27
N SER C 162 -9.27 17.31 -33.02
CA SER C 162 -8.62 16.08 -32.61
C SER C 162 -9.40 15.47 -31.45
N TRP C 163 -10.08 14.36 -31.70
CA TRP C 163 -10.83 13.65 -30.68
C TRP C 163 -9.95 12.57 -30.05
N THR C 164 -9.92 12.55 -28.71
CA THR C 164 -9.18 11.51 -28.02
C THR C 164 -10.08 10.29 -27.84
N ASP C 165 -9.49 9.19 -27.39
CA ASP C 165 -10.30 8.02 -27.07
C ASP C 165 -11.03 8.21 -25.76
N GLN C 166 -12.06 7.38 -25.56
CA GLN C 166 -12.87 7.45 -24.36
C GLN C 166 -12.00 7.22 -23.13
N ASP C 167 -12.46 7.73 -21.99
CA ASP C 167 -11.72 7.65 -20.74
C ASP C 167 -12.02 6.34 -20.02
N SER C 168 -11.06 5.90 -19.20
CA SER C 168 -11.16 4.63 -18.49
C SER C 168 -11.47 4.82 -17.01
N LYS C 169 -11.86 6.02 -16.60
CA LYS C 169 -12.21 6.34 -15.22
C LYS C 169 -13.64 6.82 -15.11
N ASP C 170 -14.04 7.80 -15.92
CA ASP C 170 -15.39 8.35 -15.89
C ASP C 170 -16.08 8.29 -17.24
N SER C 171 -15.43 7.74 -18.26
CA SER C 171 -15.98 7.57 -19.61
C SER C 171 -16.45 8.90 -20.21
N THR C 172 -15.51 9.85 -20.33
CA THR C 172 -15.82 11.14 -20.94
C THR C 172 -14.79 11.44 -22.03
N TYR C 173 -15.29 11.78 -23.21
CA TYR C 173 -14.44 12.12 -24.35
C TYR C 173 -13.84 13.52 -24.18
N SER C 174 -12.80 13.80 -24.96
CA SER C 174 -12.14 15.10 -24.96
C SER C 174 -11.57 15.37 -26.34
N MET C 175 -11.65 16.62 -26.79
CA MET C 175 -11.16 17.00 -28.10
C MET C 175 -10.45 18.34 -28.04
N SER C 176 -9.64 18.61 -29.06
CA SER C 176 -8.88 19.85 -29.15
C SER C 176 -9.09 20.43 -30.53
N SER C 177 -9.62 21.66 -30.58
CA SER C 177 -9.77 22.41 -31.82
C SER C 177 -8.64 23.44 -31.89
N THR C 178 -7.80 23.33 -32.91
CA THR C 178 -6.63 24.19 -33.05
C THR C 178 -6.79 25.17 -34.19
N LEU C 179 -6.58 26.47 -33.90
CA LEU C 179 -6.60 27.53 -34.91
C LEU C 179 -5.19 28.08 -35.07
N THR C 180 -4.49 27.63 -36.11
CA THR C 180 -3.10 28.01 -36.37
C THR C 180 -3.03 29.19 -37.34
N LEU C 181 -2.40 30.29 -36.90
CA LEU C 181 -2.30 31.49 -37.72
C LEU C 181 -0.88 32.06 -37.66
N THR C 182 -0.62 33.03 -38.52
CA THR C 182 0.68 33.70 -38.59
C THR C 182 0.79 34.81 -37.54
N LYS C 183 2.03 35.24 -37.30
CA LYS C 183 2.30 36.29 -36.33
C LYS C 183 1.78 37.65 -36.81
N ASP C 184 1.99 37.97 -38.09
CA ASP C 184 1.55 39.25 -38.64
C ASP C 184 0.04 39.42 -38.49
N GLU C 185 -0.71 38.35 -38.72
CA GLU C 185 -2.17 38.44 -38.58
C GLU C 185 -2.59 38.43 -37.13
N TYR C 186 -1.82 37.78 -36.26
CA TYR C 186 -2.16 37.77 -34.84
C TYR C 186 -1.99 39.14 -34.21
N GLU C 187 -0.99 39.90 -34.65
CA GLU C 187 -0.79 41.20 -34.04
C GLU C 187 -1.67 42.28 -34.65
N ARG C 188 -2.70 41.86 -35.39
CA ARG C 188 -3.69 42.76 -35.96
C ARG C 188 -5.09 42.47 -35.44
N HIS C 189 -5.23 41.56 -34.48
CA HIS C 189 -6.53 41.25 -33.88
C HIS C 189 -6.35 41.03 -32.38
N ASN C 190 -7.39 41.35 -31.61
CA ASN C 190 -7.28 41.38 -30.15
C ASN C 190 -8.03 40.26 -29.44
N SER C 191 -9.36 40.24 -29.50
CA SER C 191 -10.19 39.32 -28.72
C SER C 191 -10.66 38.13 -29.56
N TYR C 192 -10.10 36.96 -29.30
CA TYR C 192 -10.52 35.74 -29.98
C TYR C 192 -11.63 35.07 -29.17
N THR C 193 -12.46 34.29 -29.88
CA THR C 193 -13.63 33.67 -29.25
C THR C 193 -13.94 32.34 -29.91
N CYS C 194 -13.94 31.25 -29.14
CA CYS C 194 -14.39 29.95 -29.63
C CYS C 194 -15.61 29.49 -28.84
N GLU C 195 -16.59 28.92 -29.55
CA GLU C 195 -17.82 28.44 -28.93
C GLU C 195 -18.05 26.99 -29.34
N ALA C 196 -18.71 26.25 -28.45
CA ALA C 196 -18.97 24.83 -28.66
C ALA C 196 -20.45 24.53 -28.46
N THR C 197 -21.02 23.79 -29.40
CA THR C 197 -22.43 23.37 -29.35
C THR C 197 -22.51 21.90 -29.00
N HIS C 198 -23.15 21.58 -27.87
CA HIS C 198 -23.30 20.20 -27.40
C HIS C 198 -24.78 19.93 -27.16
N LYS C 199 -25.11 18.69 -26.81
CA LYS C 199 -26.52 18.33 -26.61
C LYS C 199 -26.97 18.56 -25.18
N THR C 200 -26.06 18.86 -24.26
CA THR C 200 -26.47 19.12 -22.88
C THR C 200 -27.25 20.42 -22.79
N SER C 201 -26.88 21.41 -23.61
CA SER C 201 -27.55 22.69 -23.64
C SER C 201 -27.54 23.22 -25.07
N THR C 202 -28.59 23.98 -25.40
CA THR C 202 -28.76 24.57 -26.73
C THR C 202 -27.83 25.75 -27.00
N SER C 203 -27.43 26.49 -25.97
CA SER C 203 -26.57 27.66 -26.15
C SER C 203 -25.09 27.28 -26.18
N PRO C 204 -24.40 27.51 -27.29
CA PRO C 204 -22.97 27.18 -27.37
C PRO C 204 -22.14 27.95 -26.36
N ILE C 205 -21.20 27.24 -25.73
CA ILE C 205 -20.30 27.85 -24.77
C ILE C 205 -19.32 28.76 -25.49
N VAL C 206 -19.25 30.01 -25.04
CA VAL C 206 -18.46 31.04 -25.70
C VAL C 206 -17.32 31.45 -24.77
N LYS C 207 -16.09 31.37 -25.27
CA LYS C 207 -14.90 31.81 -24.57
C LYS C 207 -14.16 32.85 -25.41
N SER C 208 -13.66 33.89 -24.73
CA SER C 208 -13.01 35.01 -25.40
C SER C 208 -11.82 35.48 -24.58
N PHE C 209 -10.84 36.06 -25.28
CA PHE C 209 -9.70 36.69 -24.63
C PHE C 209 -9.22 37.85 -25.48
N ASN C 210 -8.40 38.71 -24.86
CA ASN C 210 -7.83 39.87 -25.55
C ASN C 210 -6.34 39.68 -25.80
N ARG C 211 -5.87 40.18 -26.94
CA ARG C 211 -4.45 40.10 -27.27
C ARG C 211 -3.64 41.15 -26.51
N ASN C 212 -4.26 42.25 -26.12
CA ASN C 212 -3.54 43.34 -25.45
C ASN C 212 -3.07 42.85 -24.10
N GLU C 213 -2.07 41.96 -24.13
CA GLU C 213 -1.41 41.43 -22.95
C GLU C 213 -2.44 40.99 -21.92
N CYS C 214 -3.40 40.18 -22.39
CA CYS C 214 -4.49 39.62 -21.59
C CYS C 214 -5.01 40.54 -20.49
#